data_2Y1E
#
_entry.id   2Y1E
#
_cell.length_a   67.487
_cell.length_b   64.754
_cell.length_c   86.005
_cell.angle_alpha   90.00
_cell.angle_beta   101.97
_cell.angle_gamma   90.00
#
_symmetry.space_group_name_H-M   'P 1 21 1'
#
loop_
_entity.id
_entity.type
_entity.pdbx_description
1 polymer '1-DEOXY-D-XYLULOSE 5-PHOSPHATE REDUCTOISOMERASE'
2 non-polymer 'MANGANESE (II) ION'
3 non-polymer 'SULFATE ION'
4 water water
#
_entity_poly.entity_id   1
_entity_poly.type   'polypeptide(L)'
_entity_poly.pdbx_seq_one_letter_code
;TMAHHHHHHVTNSTDGRADGRLRVVVLGSTGSIGTQALQVIADNPDRFEVVGLAAGGAHLDTLLRQRAQTGVTNIAVADE
HAAQRVGDIPYHGSDAATRLVEQTEADVVLNALVGALGLRPTLAALKTGARLALANKESLVAGGSLVLRAARPGQIVPVD
SEHSALAQCLRGGTPDEVAKLVLTASGGPFRGWSAADLEHVTPEQAGAHPTWSMGPMNTLNSASLVNKGLEVIETHLLFG
IPYDRIDVVVHPQSIIHSMVTFIDGSTIAQASPPDMKLPISLALGWPRRVSGAAAACDFHTASSWEFEPLDTDVFPAVEL
ARQAGVAGGCMTAVYNAANEEAAAAFLAGRIGFPAIVGIIADVLHAADQWAVEPATVDDVLDAQRWARERAQRAVSGM
;
_entity_poly.pdbx_strand_id   A,B
#
loop_
_chem_comp.id
_chem_comp.type
_chem_comp.name
_chem_comp.formula
MN non-polymer 'MANGANESE (II) ION' 'Mn 2'
SO4 non-polymer 'SULFATE ION' 'O4 S -2'
#
# COMPACT_ATOMS: atom_id res chain seq x y z
N GLY A 20 -8.77 21.72 21.70
CA GLY A 20 -7.49 22.14 21.04
C GLY A 20 -7.52 21.92 19.53
N ARG A 21 -8.34 22.70 18.85
CA ARG A 21 -8.47 22.63 17.39
C ARG A 21 -7.24 23.21 16.71
N LEU A 22 -6.86 22.65 15.57
CA LEU A 22 -5.80 23.24 14.75
C LEU A 22 -6.31 24.48 14.04
N ARG A 23 -5.59 25.59 14.19
CA ARG A 23 -5.91 26.85 13.52
C ARG A 23 -5.33 26.84 12.12
N VAL A 24 -6.19 27.00 11.12
CA VAL A 24 -5.80 26.85 9.72
C VAL A 24 -5.99 28.14 8.92
N VAL A 25 -4.94 28.57 8.24
CA VAL A 25 -5.03 29.68 7.28
C VAL A 25 -5.16 29.05 5.90
N VAL A 26 -6.21 29.42 5.17
CA VAL A 26 -6.44 28.90 3.82
C VAL A 26 -6.14 29.97 2.76
N LEU A 27 -5.07 29.75 1.99
CA LEU A 27 -4.69 30.64 0.90
C LEU A 27 -5.19 30.08 -0.43
N GLY A 28 -5.87 30.94 -1.20
CA GLY A 28 -6.56 30.51 -2.41
C GLY A 28 -7.86 29.82 -2.04
N SER A 29 -8.63 30.46 -1.16
CA SER A 29 -9.81 29.84 -0.55
C SER A 29 -10.97 29.59 -1.52
N THR A 30 -11.05 30.40 -2.57
CA THR A 30 -12.21 30.36 -3.47
C THR A 30 -12.03 29.38 -4.65
N GLY A 31 -10.83 28.79 -4.77
CA GLY A 31 -10.56 27.79 -5.80
C GLY A 31 -11.05 26.41 -5.37
N SER A 32 -10.81 25.41 -6.23
CA SER A 32 -11.30 24.05 -5.98
C SER A 32 -10.74 23.42 -4.70
N ILE A 33 -9.42 23.50 -4.52
CA ILE A 33 -8.78 22.96 -3.31
C ILE A 33 -9.21 23.73 -2.06
N GLY A 34 -9.23 25.05 -2.17
CA GLY A 34 -9.67 25.92 -1.08
C GLY A 34 -11.06 25.61 -0.57
N THR A 35 -12.01 25.47 -1.49
CA THR A 35 -13.39 25.19 -1.11
C THR A 35 -13.52 23.79 -0.50
N GLN A 36 -12.82 22.82 -1.08
CA GLN A 36 -12.83 21.46 -0.53
C GLN A 36 -12.22 21.41 0.87
N ALA A 37 -11.16 22.19 1.09
CA ALA A 37 -10.53 22.31 2.40
C ALA A 37 -11.50 22.88 3.43
N LEU A 38 -12.23 23.93 3.05
CA LEU A 38 -13.21 24.54 3.95
C LEU A 38 -14.32 23.57 4.31
N GLN A 39 -14.69 22.72 3.35
CA GLN A 39 -15.69 21.67 3.58
C GLN A 39 -15.19 20.62 4.58
N VAL A 40 -13.94 20.18 4.43
CA VAL A 40 -13.35 19.24 5.39
C VAL A 40 -13.32 19.84 6.80
N ILE A 41 -12.95 21.11 6.89
CA ILE A 41 -12.87 21.81 8.16
C ILE A 41 -14.26 21.96 8.81
N ALA A 42 -15.26 22.30 7.99
CA ALA A 42 -16.64 22.45 8.46
C ALA A 42 -17.22 21.13 8.97
N ASP A 43 -16.80 20.03 8.35
CA ASP A 43 -17.24 18.69 8.76
C ASP A 43 -16.49 18.20 10.00
N ASN A 44 -15.42 18.89 10.36
CA ASN A 44 -14.55 18.47 11.46
C ASN A 44 -14.19 19.59 12.45
N PRO A 45 -15.21 20.22 13.07
CA PRO A 45 -14.99 21.36 13.96
C PRO A 45 -14.16 21.05 15.22
N ASP A 46 -14.18 19.81 15.69
CA ASP A 46 -13.36 19.41 16.84
C ASP A 46 -11.87 19.41 16.52
N ARG A 47 -11.53 19.27 15.24
CA ARG A 47 -10.15 19.11 14.81
C ARG A 47 -9.55 20.38 14.17
N PHE A 48 -10.39 21.12 13.46
CA PHE A 48 -9.92 22.26 12.67
C PHE A 48 -10.76 23.52 12.89
N GLU A 49 -10.11 24.67 12.79
CA GLU A 49 -10.77 25.98 12.82
C GLU A 49 -10.10 26.91 11.80
N VAL A 50 -10.90 27.53 10.93
CA VAL A 50 -10.38 28.52 9.97
C VAL A 50 -10.07 29.83 10.71
N VAL A 51 -8.86 30.34 10.51
CA VAL A 51 -8.47 31.62 11.15
C VAL A 51 -8.00 32.68 10.13
N GLY A 52 -7.97 32.31 8.86
CA GLY A 52 -7.53 33.24 7.82
C GLY A 52 -7.89 32.75 6.43
N LEU A 53 -8.25 33.69 5.56
CA LEU A 53 -8.58 33.40 4.17
C LEU A 53 -7.82 34.34 3.25
N ALA A 54 -7.33 33.81 2.13
CA ALA A 54 -6.76 34.65 1.08
C ALA A 54 -7.32 34.24 -0.28
N ALA A 55 -7.66 35.25 -1.08
CA ALA A 55 -8.16 35.03 -2.43
C ALA A 55 -7.63 36.08 -3.40
N GLY A 56 -7.66 35.76 -4.69
CA GLY A 56 -7.17 36.66 -5.74
C GLY A 56 -8.07 37.86 -6.00
N GLY A 57 -9.37 37.63 -5.96
CA GLY A 57 -10.36 38.69 -6.19
C GLY A 57 -11.27 38.50 -7.39
N ALA A 58 -11.20 37.33 -8.02
CA ALA A 58 -12.01 37.04 -9.20
C ALA A 58 -13.34 36.37 -8.86
N HIS A 59 -13.45 35.83 -7.64
CA HIS A 59 -14.66 35.14 -7.18
C HIS A 59 -15.16 35.72 -5.86
N LEU A 60 -15.56 36.98 -5.90
CA LEU A 60 -15.97 37.70 -4.69
C LEU A 60 -17.24 37.13 -4.05
N ASP A 61 -18.16 36.62 -4.87
CA ASP A 61 -19.38 35.96 -4.38
C ASP A 61 -19.06 34.83 -3.41
N THR A 62 -18.13 33.96 -3.80
CA THR A 62 -17.69 32.84 -2.95
C THR A 62 -17.01 33.34 -1.69
N LEU A 63 -16.14 34.34 -1.83
CA LEU A 63 -15.39 34.90 -0.70
C LEU A 63 -16.30 35.48 0.38
N LEU A 64 -17.32 36.23 -0.03
CA LEU A 64 -18.30 36.81 0.91
C LEU A 64 -19.07 35.73 1.67
N ARG A 65 -19.44 34.66 0.97
CA ARG A 65 -20.10 33.52 1.59
C ARG A 65 -19.18 32.83 2.60
N GLN A 66 -17.91 32.70 2.24
CA GLN A 66 -16.91 32.08 3.12
C GLN A 66 -16.72 32.90 4.40
N ARG A 67 -16.65 34.22 4.27
CA ARG A 67 -16.58 35.11 5.43
C ARG A 67 -17.78 34.93 6.34
N ALA A 68 -18.98 34.89 5.74
CA ALA A 68 -20.23 34.75 6.49
C ALA A 68 -20.31 33.43 7.24
N GLN A 69 -19.97 32.34 6.55
CA GLN A 69 -20.08 30.99 7.09
C GLN A 69 -19.02 30.65 8.14
N THR A 70 -17.78 31.06 7.89
CA THR A 70 -16.68 30.80 8.83
C THR A 70 -16.59 31.85 9.94
N GLY A 71 -17.19 33.02 9.70
CA GLY A 71 -17.08 34.14 10.64
C GLY A 71 -15.71 34.77 10.65
N VAL A 72 -14.90 34.43 9.63
CA VAL A 72 -13.54 34.95 9.50
C VAL A 72 -13.52 36.23 8.67
N THR A 73 -13.08 37.31 9.32
CA THR A 73 -12.91 38.61 8.66
C THR A 73 -11.44 38.86 8.35
N ASN A 74 -10.57 38.00 8.90
CA ASN A 74 -9.13 38.05 8.68
C ASN A 74 -8.81 37.57 7.26
N ILE A 75 -8.93 38.48 6.30
CA ILE A 75 -8.92 38.13 4.88
C ILE A 75 -7.92 38.96 4.06
N ALA A 76 -7.25 38.30 3.11
CA ALA A 76 -6.38 38.96 2.15
C ALA A 76 -6.95 38.88 0.74
N VAL A 77 -6.97 40.01 0.03
CA VAL A 77 -7.42 40.06 -1.35
C VAL A 77 -6.32 40.67 -2.21
N ALA A 78 -5.87 39.94 -3.23
CA ALA A 78 -4.72 40.34 -4.05
C ALA A 78 -5.00 41.57 -4.93
N ASP A 79 -6.18 41.61 -5.54
CA ASP A 79 -6.55 42.73 -6.40
C ASP A 79 -7.12 43.91 -5.59
N GLU A 80 -6.47 45.07 -5.71
CA GLU A 80 -6.84 46.27 -4.95
C GLU A 80 -8.26 46.79 -5.25
N HIS A 81 -8.65 46.73 -6.52
CA HIS A 81 -9.99 47.11 -6.95
C HIS A 81 -11.04 46.16 -6.36
N ALA A 82 -10.75 44.86 -6.40
CA ALA A 82 -11.63 43.84 -5.83
C ALA A 82 -11.78 44.01 -4.32
N ALA A 83 -10.66 44.30 -3.64
CA ALA A 83 -10.66 44.52 -2.19
C ALA A 83 -11.47 45.76 -1.82
N GLN A 84 -11.35 46.80 -2.65
CA GLN A 84 -12.12 48.03 -2.51
C GLN A 84 -13.60 47.72 -2.67
N ARG A 85 -13.94 47.06 -3.77
CA ARG A 85 -15.31 46.65 -4.08
C ARG A 85 -15.97 45.87 -2.95
N VAL A 86 -15.18 45.01 -2.30
CA VAL A 86 -15.64 44.24 -1.16
C VAL A 86 -15.84 45.17 0.05
N GLY A 87 -14.74 45.58 0.69
CA GLY A 87 -14.80 46.41 1.89
C GLY A 87 -14.39 45.68 3.16
N ASP A 88 -13.77 46.41 4.09
CA ASP A 88 -13.33 45.90 5.40
C ASP A 88 -12.24 44.82 5.31
N ILE A 89 -11.55 44.77 4.17
CA ILE A 89 -10.48 43.79 3.94
C ILE A 89 -9.17 44.30 4.57
N PRO A 90 -8.66 43.60 5.60
CA PRO A 90 -7.46 44.07 6.31
C PRO A 90 -6.17 43.99 5.49
N TYR A 91 -6.09 43.04 4.56
CA TYR A 91 -4.89 42.87 3.73
C TYR A 91 -5.24 42.93 2.25
N HIS A 92 -4.66 43.91 1.55
CA HIS A 92 -4.96 44.11 0.14
C HIS A 92 -3.73 44.52 -0.67
N GLY A 93 -3.67 44.05 -1.91
CA GLY A 93 -2.50 44.26 -2.77
C GLY A 93 -1.75 42.96 -3.04
N SER A 94 -0.67 43.04 -3.81
CA SER A 94 0.04 41.85 -4.26
C SER A 94 0.72 41.05 -3.14
N ASP A 95 1.11 41.75 -2.07
CA ASP A 95 1.76 41.12 -0.92
C ASP A 95 0.76 40.74 0.18
N ALA A 96 -0.53 40.85 -0.11
CA ALA A 96 -1.59 40.64 0.88
C ALA A 96 -1.52 39.28 1.56
N ALA A 97 -1.44 38.22 0.78
CA ALA A 97 -1.44 36.85 1.31
C ALA A 97 -0.23 36.63 2.22
N THR A 98 0.92 37.14 1.80
CA THR A 98 2.15 37.03 2.57
C THR A 98 2.03 37.72 3.93
N ARG A 99 1.47 38.94 3.93
CA ARG A 99 1.31 39.69 5.18
C ARG A 99 0.30 39.04 6.13
N LEU A 100 -0.78 38.49 5.57
CA LEU A 100 -1.74 37.70 6.33
C LEU A 100 -1.04 36.56 7.07
N VAL A 101 -0.22 35.80 6.35
CA VAL A 101 0.52 34.67 6.94
C VAL A 101 1.48 35.16 8.04
N GLU A 102 2.21 36.23 7.77
CA GLU A 102 3.17 36.80 8.70
C GLU A 102 2.56 37.28 10.02
N GLN A 103 1.30 37.72 9.96
CA GLN A 103 0.66 38.36 11.10
C GLN A 103 -0.46 37.56 11.77
N THR A 104 -0.72 36.36 11.26
CA THR A 104 -1.78 35.51 11.79
C THR A 104 -1.21 34.31 12.54
N GLU A 105 -1.63 34.13 13.79
CA GLU A 105 -1.26 32.96 14.58
C GLU A 105 -2.01 31.75 14.05
N ALA A 106 -1.27 30.71 13.67
CA ALA A 106 -1.87 29.52 13.08
C ALA A 106 -1.00 28.28 13.32
N ASP A 107 -1.63 27.12 13.23
CA ASP A 107 -0.94 25.84 13.33
C ASP A 107 -0.64 25.25 11.95
N VAL A 108 -1.50 25.55 11.00
CA VAL A 108 -1.38 25.05 9.63
C VAL A 108 -1.67 26.16 8.63
N VAL A 109 -0.81 26.28 7.62
CA VAL A 109 -1.12 27.13 6.48
C VAL A 109 -1.33 26.24 5.26
N LEU A 110 -2.55 26.28 4.72
CA LEU A 110 -2.84 25.62 3.46
C LEU A 110 -2.54 26.58 2.32
N ASN A 111 -1.49 26.31 1.57
CA ASN A 111 -1.17 27.13 0.41
C ASN A 111 -1.75 26.51 -0.87
N ALA A 112 -2.91 27.02 -1.28
CA ALA A 112 -3.58 26.56 -2.50
C ALA A 112 -3.67 27.70 -3.52
N LEU A 113 -2.69 28.60 -3.45
CA LEU A 113 -2.53 29.65 -4.46
C LEU A 113 -2.07 29.01 -5.76
N VAL A 114 -2.24 29.71 -6.87
CA VAL A 114 -1.86 29.19 -8.19
C VAL A 114 -0.56 29.83 -8.69
N GLY A 115 0.34 28.99 -9.19
CA GLY A 115 1.56 29.44 -9.86
C GLY A 115 2.71 29.85 -8.94
N ALA A 116 3.79 30.30 -9.57
CA ALA A 116 4.99 30.71 -8.84
C ALA A 116 4.77 31.89 -7.87
N LEU A 117 3.64 32.60 -8.02
CA LEU A 117 3.29 33.67 -7.07
C LEU A 117 3.01 33.18 -5.65
N GLY A 118 2.89 31.86 -5.47
CA GLY A 118 2.72 31.28 -4.13
C GLY A 118 4.03 31.24 -3.34
N LEU A 119 5.11 31.67 -3.96
CA LEU A 119 6.45 31.58 -3.39
C LEU A 119 6.61 32.32 -2.07
N ARG A 120 6.30 33.60 -2.05
CA ARG A 120 6.46 34.39 -0.82
C ARG A 120 5.57 33.90 0.33
N PRO A 121 4.26 33.65 0.08
CA PRO A 121 3.47 33.04 1.15
C PRO A 121 4.00 31.70 1.69
N THR A 122 4.57 30.86 0.82
CA THR A 122 5.20 29.61 1.26
C THR A 122 6.37 29.89 2.21
N LEU A 123 7.24 30.83 1.83
CA LEU A 123 8.38 31.19 2.67
C LEU A 123 7.93 31.78 4.00
N ALA A 124 6.97 32.70 3.94
CA ALA A 124 6.37 33.28 5.14
C ALA A 124 5.79 32.21 6.06
N ALA A 125 5.02 31.28 5.50
CA ALA A 125 4.42 30.20 6.28
C ALA A 125 5.48 29.40 7.03
N LEU A 126 6.49 28.95 6.31
CA LEU A 126 7.55 28.14 6.91
C LEU A 126 8.25 28.88 8.05
N LYS A 127 8.49 30.18 7.86
CA LYS A 127 9.19 30.99 8.85
C LYS A 127 8.38 31.18 10.15
N THR A 128 7.06 31.01 10.07
CA THR A 128 6.19 31.07 11.26
C THR A 128 6.28 29.81 12.12
N GLY A 129 6.75 28.71 11.54
CA GLY A 129 6.80 27.43 12.23
C GLY A 129 5.59 26.54 12.05
N ALA A 130 4.53 27.05 11.41
CA ALA A 130 3.33 26.27 11.15
C ALA A 130 3.60 25.17 10.11
N ARG A 131 2.83 24.10 10.19
CA ARG A 131 2.82 23.09 9.12
C ARG A 131 2.36 23.76 7.83
N LEU A 132 3.07 23.49 6.75
CA LEU A 132 2.68 23.99 5.45
C LEU A 132 2.03 22.85 4.68
N ALA A 133 0.71 22.92 4.56
CA ALA A 133 -0.03 21.97 3.75
C ALA A 133 0.06 22.52 2.33
N LEU A 134 0.90 21.90 1.51
CA LEU A 134 1.25 22.50 0.22
C LEU A 134 0.48 21.93 -0.95
N ALA A 135 -0.37 22.77 -1.56
CA ALA A 135 -1.00 22.41 -2.83
C ALA A 135 -0.26 23.09 -3.97
N ASN A 136 0.22 24.30 -3.70
CA ASN A 136 0.96 25.12 -4.66
C ASN A 136 2.37 24.53 -4.89
N LYS A 137 2.44 23.50 -5.72
CA LYS A 137 3.71 22.80 -5.97
C LYS A 137 4.78 23.72 -6.58
N GLU A 138 4.31 24.73 -7.33
CA GLU A 138 5.19 25.71 -7.99
C GLU A 138 6.09 26.48 -7.03
N SER A 139 5.60 26.80 -5.83
CA SER A 139 6.43 27.50 -4.86
C SER A 139 7.61 26.65 -4.38
N LEU A 140 7.40 25.34 -4.25
CA LEU A 140 8.49 24.44 -3.89
C LEU A 140 9.42 24.21 -5.08
N VAL A 141 8.85 24.03 -6.26
CA VAL A 141 9.64 23.80 -7.48
C VAL A 141 10.54 25.01 -7.77
N ALA A 142 9.97 26.20 -7.67
CA ALA A 142 10.71 27.44 -7.93
C ALA A 142 11.69 27.76 -6.82
N GLY A 143 11.21 27.70 -5.58
CA GLY A 143 12.02 28.01 -4.40
C GLY A 143 13.19 27.06 -4.21
N GLY A 144 12.97 25.77 -4.49
CA GLY A 144 14.03 24.77 -4.37
C GLY A 144 14.69 24.79 -3.00
N SER A 145 16.03 24.82 -2.98
CA SER A 145 16.79 24.81 -1.73
C SER A 145 16.45 25.97 -0.79
N LEU A 146 16.04 27.10 -1.36
CA LEU A 146 15.64 28.27 -0.55
C LEU A 146 14.45 27.93 0.34
N VAL A 147 13.46 27.26 -0.25
CA VAL A 147 12.30 26.82 0.51
C VAL A 147 12.69 25.73 1.51
N LEU A 148 13.52 24.78 1.08
CA LEU A 148 13.96 23.68 1.95
C LEU A 148 14.74 24.17 3.16
N ARG A 149 15.57 25.19 2.98
CA ARG A 149 16.36 25.76 4.08
C ARG A 149 15.49 26.48 5.12
N ALA A 150 14.32 26.96 4.70
CA ALA A 150 13.39 27.63 5.60
C ALA A 150 12.54 26.66 6.44
N ALA A 151 12.50 25.40 6.01
CA ALA A 151 11.67 24.37 6.65
C ALA A 151 12.42 23.46 7.61
N ARG A 152 11.73 23.02 8.66
CA ARG A 152 12.22 21.92 9.50
C ARG A 152 11.78 20.60 8.86
N PRO A 153 12.40 19.46 9.27
CA PRO A 153 11.99 18.18 8.71
C PRO A 153 10.49 17.91 8.93
N GLY A 154 9.80 17.57 7.85
CA GLY A 154 8.40 17.21 7.91
C GLY A 154 7.43 18.38 8.00
N GLN A 155 7.97 19.61 7.95
CA GLN A 155 7.14 20.81 8.05
C GLN A 155 6.26 20.99 6.82
N ILE A 156 6.76 20.58 5.66
CA ILE A 156 5.96 20.60 4.44
C ILE A 156 5.25 19.27 4.28
N VAL A 157 3.92 19.33 4.24
CA VAL A 157 3.09 18.15 4.08
C VAL A 157 2.28 18.30 2.78
N PRO A 158 2.47 17.38 1.83
CA PRO A 158 1.92 17.59 0.50
C PRO A 158 0.40 17.39 0.43
N VAL A 159 -0.25 18.25 -0.34
CA VAL A 159 -1.67 18.11 -0.65
C VAL A 159 -1.82 17.42 -2.01
N ASP A 160 -0.80 17.57 -2.86
CA ASP A 160 -0.75 16.88 -4.14
C ASP A 160 -1.05 15.38 -3.93
N SER A 161 -1.96 14.83 -4.73
CA SER A 161 -2.42 13.45 -4.51
C SER A 161 -1.30 12.41 -4.54
N GLU A 162 -0.38 12.58 -5.50
CA GLU A 162 0.73 11.63 -5.66
C GLU A 162 1.67 11.66 -4.47
N HIS A 163 1.98 12.87 -4.00
CA HIS A 163 2.94 13.05 -2.92
C HIS A 163 2.34 12.68 -1.57
N SER A 164 1.04 12.91 -1.42
CA SER A 164 0.32 12.39 -0.26
C SER A 164 0.42 10.87 -0.24
N ALA A 165 0.22 10.25 -1.39
CA ALA A 165 0.34 8.80 -1.54
C ALA A 165 1.74 8.32 -1.18
N LEU A 166 2.76 9.01 -1.71
CA LEU A 166 4.15 8.64 -1.39
C LEU A 166 4.42 8.70 0.11
N ALA A 167 4.00 9.81 0.74
CA ALA A 167 4.18 9.98 2.18
C ALA A 167 3.57 8.83 2.98
N GLN A 168 2.38 8.38 2.56
CA GLN A 168 1.71 7.26 3.20
C GLN A 168 2.47 5.95 2.98
N CYS A 169 2.88 5.72 1.73
CA CYS A 169 3.56 4.48 1.37
C CYS A 169 4.94 4.36 2.01
N LEU A 170 5.57 5.50 2.27
CA LEU A 170 6.89 5.51 2.93
C LEU A 170 6.84 4.97 4.37
N ARG A 171 5.63 4.91 4.94
CA ARG A 171 5.42 4.26 6.24
C ARG A 171 5.70 2.75 6.18
N GLY A 172 5.78 2.20 4.97
CA GLY A 172 6.02 0.77 4.76
C GLY A 172 7.42 0.27 5.07
N GLY A 173 8.33 1.18 5.41
CA GLY A 173 9.71 0.80 5.73
C GLY A 173 10.52 1.98 6.25
N THR A 174 11.76 1.71 6.62
CA THR A 174 12.66 2.78 7.06
C THR A 174 13.25 3.47 5.82
N PRO A 175 13.79 4.68 5.98
CA PRO A 175 14.38 5.35 4.83
C PRO A 175 15.45 4.55 4.06
N ASP A 176 16.28 3.78 4.77
CA ASP A 176 17.34 2.99 4.11
C ASP A 176 16.80 1.77 3.34
N GLU A 177 15.51 1.51 3.49
CA GLU A 177 14.86 0.41 2.78
C GLU A 177 14.19 0.83 1.47
N VAL A 178 14.20 2.13 1.17
CA VAL A 178 13.56 2.64 -0.03
C VAL A 178 14.45 2.39 -1.24
N ALA A 179 13.91 1.72 -2.25
CA ALA A 179 14.61 1.52 -3.52
C ALA A 179 14.18 2.55 -4.56
N LYS A 180 12.88 2.69 -4.77
CA LYS A 180 12.34 3.56 -5.81
C LYS A 180 11.03 4.21 -5.36
N LEU A 181 10.81 5.45 -5.79
CA LEU A 181 9.50 6.09 -5.67
C LEU A 181 8.83 6.03 -7.04
N VAL A 182 7.59 5.54 -7.07
CA VAL A 182 6.89 5.35 -8.33
C VAL A 182 5.70 6.31 -8.41
N LEU A 183 5.88 7.38 -9.20
CA LEU A 183 4.83 8.36 -9.42
C LEU A 183 3.92 7.87 -10.54
N THR A 184 2.62 7.83 -10.28
CA THR A 184 1.66 7.53 -11.32
C THR A 184 1.27 8.81 -12.04
N ALA A 185 0.88 8.67 -13.31
CA ALA A 185 0.44 9.79 -14.14
C ALA A 185 -0.78 9.35 -14.94
N SER A 186 -1.77 10.22 -15.06
CA SER A 186 -2.99 9.87 -15.81
C SER A 186 -2.68 9.62 -17.28
N GLY A 187 -1.65 10.31 -17.79
CA GLY A 187 -1.32 10.26 -19.21
C GLY A 187 -1.96 11.41 -19.97
N GLY A 188 -2.97 12.04 -19.37
CA GLY A 188 -3.68 13.16 -19.98
C GLY A 188 -4.65 12.72 -21.06
N PRO A 189 -5.40 13.68 -21.66
CA PRO A 189 -6.36 13.32 -22.71
C PRO A 189 -5.70 12.82 -24.00
N PHE A 190 -4.39 13.03 -24.13
CA PHE A 190 -3.68 12.71 -25.36
C PHE A 190 -2.76 11.49 -25.22
N ARG A 191 -2.99 10.69 -24.19
CA ARG A 191 -2.28 9.42 -24.01
C ARG A 191 -2.46 8.54 -25.25
N GLY A 192 -1.35 8.05 -25.78
CA GLY A 192 -1.37 7.18 -26.97
C GLY A 192 -1.25 7.92 -28.29
N TRP A 193 -1.45 9.23 -28.27
CA TRP A 193 -1.35 10.08 -29.47
C TRP A 193 0.08 10.19 -29.97
N SER A 194 0.23 10.35 -31.28
CA SER A 194 1.55 10.52 -31.88
C SER A 194 1.96 11.99 -31.87
N ALA A 195 3.23 12.25 -32.13
CA ALA A 195 3.76 13.60 -32.23
C ALA A 195 2.97 14.44 -33.26
N ALA A 196 2.66 13.81 -34.39
CA ALA A 196 1.86 14.45 -35.44
C ALA A 196 0.45 14.79 -34.98
N ASP A 197 -0.17 13.88 -34.23
CA ASP A 197 -1.51 14.09 -33.68
C ASP A 197 -1.58 15.33 -32.78
N LEU A 198 -0.51 15.57 -32.03
CA LEU A 198 -0.45 16.65 -31.04
C LEU A 198 -0.33 18.04 -31.67
N GLU A 199 0.09 18.09 -32.94
CA GLU A 199 0.19 19.34 -33.68
C GLU A 199 -1.14 20.07 -33.75
N HIS A 200 -2.22 19.29 -33.86
CA HIS A 200 -3.57 19.83 -34.09
C HIS A 200 -4.36 20.10 -32.82
N VAL A 201 -3.72 19.91 -31.67
CA VAL A 201 -4.39 20.11 -30.38
C VAL A 201 -4.80 21.58 -30.16
N THR A 202 -6.06 21.77 -29.80
CA THR A 202 -6.61 23.10 -29.53
C THR A 202 -6.70 23.34 -28.01
N PRO A 203 -6.71 24.62 -27.58
CA PRO A 203 -6.91 24.95 -26.17
C PRO A 203 -8.17 24.35 -25.55
N GLU A 204 -9.24 24.18 -26.34
CA GLU A 204 -10.47 23.55 -25.88
C GLU A 204 -10.27 22.08 -25.50
N GLN A 205 -9.48 21.36 -26.30
CA GLN A 205 -9.14 19.97 -26.05
C GLN A 205 -8.26 19.79 -24.81
N ALA A 206 -7.42 20.80 -24.54
CA ALA A 206 -6.50 20.78 -23.43
C ALA A 206 -6.93 21.78 -22.36
N MET A 214 -9.96 21.20 -12.95
CA MET A 214 -9.82 22.24 -11.94
C MET A 214 -9.78 23.63 -12.58
N GLY A 215 -8.58 24.08 -12.96
CA GLY A 215 -8.39 25.36 -13.64
C GLY A 215 -7.80 25.16 -15.03
N PRO A 216 -7.57 26.27 -15.77
CA PRO A 216 -6.98 26.19 -17.10
C PRO A 216 -5.54 25.66 -17.11
N MET A 217 -4.74 26.11 -16.14
CA MET A 217 -3.34 25.68 -16.04
C MET A 217 -3.19 24.24 -15.55
N ASN A 218 -3.99 23.85 -14.55
CA ASN A 218 -3.96 22.48 -14.02
C ASN A 218 -4.30 21.47 -15.11
N THR A 219 -5.36 21.75 -15.85
CA THR A 219 -5.80 20.91 -16.96
C THR A 219 -4.74 20.83 -18.05
N LEU A 220 -4.19 21.98 -18.45
CA LEU A 220 -3.20 22.04 -19.52
C LEU A 220 -1.91 21.34 -19.12
N ASN A 221 -1.40 21.64 -17.92
CA ASN A 221 -0.18 21.01 -17.41
C ASN A 221 -0.31 19.49 -17.30
N SER A 222 -1.52 19.01 -16.99
CA SER A 222 -1.78 17.57 -17.00
C SER A 222 -1.62 17.01 -18.42
N ALA A 223 -2.25 17.68 -19.38
CA ALA A 223 -2.23 17.25 -20.79
C ALA A 223 -0.85 17.28 -21.43
N SER A 224 -0.03 18.26 -21.06
CA SER A 224 1.31 18.44 -21.64
C SER A 224 2.38 17.59 -20.96
N LEU A 225 2.00 16.99 -19.83
CA LEU A 225 2.89 16.23 -18.95
C LEU A 225 3.88 17.10 -18.15
N VAL A 226 3.76 18.42 -18.30
CA VAL A 226 4.58 19.33 -17.49
C VAL A 226 4.18 19.21 -16.01
N ASN A 227 2.89 19.01 -15.75
CA ASN A 227 2.50 18.75 -14.36
C ASN A 227 3.31 17.60 -13.78
N LYS A 228 3.46 16.51 -14.53
CA LYS A 228 4.19 15.36 -14.03
C LYS A 228 5.66 15.68 -13.83
N GLY A 229 6.22 16.49 -14.73
CA GLY A 229 7.58 16.99 -14.55
C GLY A 229 7.74 17.81 -13.28
N LEU A 230 6.79 18.72 -13.03
CA LEU A 230 6.77 19.50 -11.79
C LEU A 230 6.70 18.56 -10.58
N GLU A 231 5.90 17.51 -10.71
CA GLU A 231 5.72 16.55 -9.62
C GLU A 231 6.96 15.71 -9.35
N VAL A 232 7.74 15.42 -10.40
CA VAL A 232 9.01 14.70 -10.23
C VAL A 232 9.97 15.57 -9.42
N ILE A 233 10.07 16.84 -9.78
CA ILE A 233 10.87 17.80 -9.02
C ILE A 233 10.37 17.90 -7.57
N GLU A 234 9.05 18.02 -7.40
CA GLU A 234 8.43 18.08 -6.08
C GLU A 234 8.79 16.85 -5.26
N THR A 235 8.79 15.68 -5.89
CA THR A 235 9.15 14.44 -5.22
C THR A 235 10.58 14.48 -4.70
N HIS A 236 11.51 14.89 -5.56
CA HIS A 236 12.91 15.00 -5.17
C HIS A 236 13.10 15.95 -3.99
N LEU A 237 12.43 17.10 -4.04
CA LEU A 237 12.59 18.12 -3.01
C LEU A 237 11.93 17.74 -1.68
N LEU A 238 10.73 17.13 -1.73
CA LEU A 238 10.03 16.73 -0.50
C LEU A 238 10.72 15.57 0.21
N PHE A 239 11.18 14.59 -0.56
CA PHE A 239 11.59 13.30 0.01
C PHE A 239 13.08 13.02 -0.05
N GLY A 240 13.80 13.85 -0.80
CA GLY A 240 15.26 13.75 -0.89
C GLY A 240 15.79 12.57 -1.68
N ILE A 241 14.93 11.94 -2.47
CA ILE A 241 15.31 10.78 -3.29
C ILE A 241 15.92 11.27 -4.61
N PRO A 242 17.04 10.66 -5.04
CA PRO A 242 17.68 11.07 -6.30
C PRO A 242 16.76 10.87 -7.51
N TYR A 243 16.90 11.73 -8.52
CA TYR A 243 16.05 11.69 -9.69
C TYR A 243 16.05 10.34 -10.40
N ASP A 244 17.17 9.64 -10.36
CA ASP A 244 17.27 8.34 -11.04
C ASP A 244 16.56 7.21 -10.29
N ARG A 245 16.02 7.54 -9.11
CA ARG A 245 15.22 6.59 -8.34
C ARG A 245 13.75 7.06 -8.20
N ILE A 246 13.38 8.01 -9.06
CA ILE A 246 11.98 8.45 -9.18
C ILE A 246 11.45 8.01 -10.53
N ASP A 247 10.58 7.00 -10.51
CA ASP A 247 9.99 6.46 -11.73
C ASP A 247 8.65 7.11 -11.99
N VAL A 248 8.25 7.17 -13.25
CA VAL A 248 6.92 7.63 -13.62
C VAL A 248 6.26 6.52 -14.44
N VAL A 249 5.06 6.12 -14.02
N VAL A 249 5.03 6.18 -14.06
CA VAL A 249 4.29 5.15 -14.79
CA VAL A 249 4.27 5.13 -14.72
C VAL A 249 2.92 5.74 -15.09
C VAL A 249 2.86 5.66 -15.05
N VAL A 250 2.43 5.48 -16.29
CA VAL A 250 1.11 5.94 -16.71
C VAL A 250 0.04 4.98 -16.19
N HIS A 251 -0.94 5.54 -15.50
CA HIS A 251 -2.04 4.80 -14.91
C HIS A 251 -3.33 5.57 -15.18
N PRO A 252 -4.00 5.24 -16.30
CA PRO A 252 -5.16 6.01 -16.79
C PRO A 252 -6.34 6.12 -15.82
N GLN A 253 -6.50 5.15 -14.92
CA GLN A 253 -7.65 5.13 -14.01
C GLN A 253 -7.49 6.12 -12.86
N SER A 254 -6.27 6.52 -12.57
CA SER A 254 -5.97 7.42 -11.43
C SER A 254 -6.60 6.94 -10.11
N ILE A 255 -6.53 5.64 -9.84
N ILE A 255 -6.54 5.63 -9.86
CA ILE A 255 -6.96 5.07 -8.57
CA ILE A 255 -6.96 5.04 -8.59
C ILE A 255 -5.76 4.84 -7.66
C ILE A 255 -5.75 4.86 -7.68
N ILE A 256 -4.70 4.23 -8.20
CA ILE A 256 -3.41 4.17 -7.51
C ILE A 256 -2.74 5.54 -7.69
N HIS A 257 -2.44 6.23 -6.59
CA HIS A 257 -1.96 7.61 -6.67
C HIS A 257 -0.46 7.75 -6.65
N SER A 258 0.22 6.68 -6.23
CA SER A 258 1.67 6.49 -6.33
C SER A 258 2.04 5.29 -5.47
N MET A 259 3.31 4.89 -5.54
CA MET A 259 3.79 3.70 -4.84
C MET A 259 5.24 3.86 -4.44
N VAL A 260 5.68 3.06 -3.47
CA VAL A 260 7.07 3.02 -3.08
C VAL A 260 7.55 1.57 -3.17
N THR A 261 8.65 1.36 -3.89
CA THR A 261 9.26 0.04 -3.97
C THR A 261 10.42 -0.03 -2.98
N PHE A 262 10.41 -1.06 -2.16
CA PHE A 262 11.43 -1.29 -1.14
C PHE A 262 12.49 -2.28 -1.60
N ILE A 263 13.61 -2.30 -0.86
CA ILE A 263 14.82 -3.04 -1.26
C ILE A 263 14.63 -4.57 -1.34
N ASP A 264 13.57 -5.08 -0.71
CA ASP A 264 13.30 -6.52 -0.72
C ASP A 264 12.43 -6.98 -1.89
N GLY A 265 11.96 -6.03 -2.69
CA GLY A 265 11.07 -6.32 -3.81
C GLY A 265 9.60 -6.00 -3.54
N SER A 266 9.28 -5.64 -2.30
CA SER A 266 7.91 -5.28 -1.97
C SER A 266 7.57 -3.84 -2.40
N THR A 267 6.39 -3.67 -2.99
CA THR A 267 5.88 -2.34 -3.33
C THR A 267 4.64 -2.08 -2.48
N ILE A 268 4.59 -0.88 -1.90
CA ILE A 268 3.42 -0.43 -1.14
C ILE A 268 2.81 0.72 -1.93
N ALA A 269 1.50 0.62 -2.18
CA ALA A 269 0.78 1.55 -3.03
C ALA A 269 -0.40 2.15 -2.28
N GLN A 270 -0.75 3.39 -2.61
CA GLN A 270 -1.95 4.02 -2.06
C GLN A 270 -3.01 4.15 -3.14
N ALA A 271 -4.24 3.79 -2.77
CA ALA A 271 -5.34 3.76 -3.72
C ALA A 271 -6.62 4.34 -3.15
N SER A 272 -7.31 5.11 -3.98
CA SER A 272 -8.61 5.67 -3.62
C SER A 272 -9.29 6.25 -4.85
N PRO A 273 -10.64 6.24 -4.87
CA PRO A 273 -11.31 6.96 -5.95
C PRO A 273 -10.85 8.42 -5.91
N PRO A 274 -10.58 9.01 -7.10
CA PRO A 274 -10.13 10.40 -7.15
C PRO A 274 -11.05 11.31 -6.35
N ASP A 275 -10.46 12.03 -5.39
CA ASP A 275 -11.16 12.98 -4.54
C ASP A 275 -10.11 13.68 -3.72
N MET A 276 -9.91 14.96 -3.99
CA MET A 276 -8.86 15.73 -3.32
C MET A 276 -9.08 15.92 -1.82
N LYS A 277 -10.30 15.69 -1.34
CA LYS A 277 -10.57 15.80 0.09
C LYS A 277 -9.74 14.83 0.93
N LEU A 278 -9.38 13.68 0.35
CA LEU A 278 -8.53 12.73 1.06
C LEU A 278 -7.13 13.33 1.34
N PRO A 279 -6.34 13.66 0.29
CA PRO A 279 -5.04 14.27 0.62
C PRO A 279 -5.11 15.63 1.34
N ILE A 280 -6.13 16.44 1.07
CA ILE A 280 -6.33 17.68 1.81
C ILE A 280 -6.48 17.38 3.30
N SER A 281 -7.36 16.43 3.64
CA SER A 281 -7.64 16.10 5.05
C SER A 281 -6.40 15.59 5.77
N LEU A 282 -5.64 14.74 5.10
CA LEU A 282 -4.42 14.18 5.69
C LEU A 282 -3.35 15.25 5.90
N ALA A 283 -3.23 16.20 4.97
CA ALA A 283 -2.25 17.27 5.08
C ALA A 283 -2.58 18.23 6.23
N LEU A 284 -3.86 18.53 6.37
CA LEU A 284 -4.34 19.42 7.42
C LEU A 284 -4.11 18.83 8.80
N GLY A 285 -4.37 17.53 8.94
CA GLY A 285 -4.31 16.85 10.23
C GLY A 285 -3.13 15.92 10.49
N TRP A 286 -2.13 15.94 9.61
CA TRP A 286 -0.97 15.04 9.70
C TRP A 286 -0.40 15.01 11.11
N PRO A 287 -0.13 13.81 11.66
CA PRO A 287 -0.19 12.48 11.02
C PRO A 287 -1.53 11.76 11.06
N ARG A 288 -2.54 12.37 11.70
CA ARG A 288 -3.81 11.72 11.97
C ARG A 288 -4.76 11.73 10.79
N ARG A 289 -5.32 10.55 10.47
CA ARG A 289 -6.31 10.43 9.41
C ARG A 289 -7.65 10.99 9.87
N VAL A 290 -8.38 11.58 8.93
CA VAL A 290 -9.67 12.20 9.22
C VAL A 290 -10.82 11.29 8.80
N SER A 291 -11.56 10.79 9.78
CA SER A 291 -12.65 9.86 9.50
C SER A 291 -13.65 10.42 8.47
N GLY A 292 -13.96 9.60 7.47
CA GLY A 292 -14.96 9.95 6.46
C GLY A 292 -14.59 11.01 5.44
N ALA A 293 -13.31 11.36 5.36
CA ALA A 293 -12.85 12.40 4.43
C ALA A 293 -13.27 12.11 3.00
N ALA A 294 -13.17 10.85 2.59
CA ALA A 294 -13.46 10.44 1.22
C ALA A 294 -13.97 9.00 1.16
N ALA A 295 -14.64 8.67 0.05
CA ALA A 295 -15.08 7.30 -0.19
C ALA A 295 -13.88 6.40 -0.47
N ALA A 296 -13.97 5.16 0.00
CA ALA A 296 -12.90 4.19 -0.22
C ALA A 296 -13.17 3.42 -1.51
N CYS A 297 -12.14 2.78 -2.04
CA CYS A 297 -12.30 1.84 -3.16
C CYS A 297 -13.37 0.82 -2.81
N ASP A 298 -14.22 0.52 -3.79
CA ASP A 298 -15.31 -0.43 -3.60
C ASP A 298 -14.95 -1.75 -4.28
N PHE A 299 -14.59 -2.74 -3.49
CA PHE A 299 -14.16 -4.04 -4.03
C PHE A 299 -15.28 -5.07 -4.14
N HIS A 300 -16.52 -4.58 -4.06
CA HIS A 300 -17.72 -5.39 -4.33
C HIS A 300 -18.22 -5.11 -5.75
N THR A 301 -17.42 -4.35 -6.50
CA THR A 301 -17.68 -4.09 -7.90
C THR A 301 -16.39 -4.28 -8.71
N ALA A 302 -16.53 -4.74 -9.95
CA ALA A 302 -15.37 -5.07 -10.77
C ALA A 302 -14.62 -3.82 -11.20
N SER A 303 -13.29 -3.90 -11.24
CA SER A 303 -12.45 -2.80 -11.69
C SER A 303 -11.14 -3.30 -12.25
N SER A 304 -10.46 -2.45 -13.01
CA SER A 304 -9.19 -2.79 -13.62
C SER A 304 -8.23 -1.61 -13.42
N TRP A 305 -7.07 -1.89 -12.84
CA TRP A 305 -6.02 -0.86 -12.69
C TRP A 305 -4.90 -1.14 -13.69
N GLU A 306 -4.76 -0.25 -14.67
CA GLU A 306 -3.85 -0.48 -15.78
C GLU A 306 -2.60 0.38 -15.67
N PHE A 307 -1.48 -0.19 -16.10
CA PHE A 307 -0.19 0.48 -16.07
C PHE A 307 0.49 0.34 -17.43
N GLU A 308 1.12 1.42 -17.88
CA GLU A 308 1.85 1.42 -19.13
C GLU A 308 2.99 2.42 -19.03
N PRO A 309 4.11 2.17 -19.74
CA PRO A 309 5.21 3.13 -19.73
C PRO A 309 4.83 4.45 -20.41
N LEU A 310 5.43 5.54 -19.94
CA LEU A 310 5.24 6.83 -20.57
C LEU A 310 6.00 6.84 -21.88
N ASP A 311 5.37 7.41 -22.91
CA ASP A 311 6.02 7.60 -24.19
C ASP A 311 6.86 8.87 -24.14
N THR A 312 8.12 8.72 -23.75
CA THR A 312 9.02 9.86 -23.48
C THR A 312 9.38 10.66 -24.73
N ASP A 313 9.34 10.01 -25.89
CA ASP A 313 9.63 10.67 -27.17
C ASP A 313 8.56 11.71 -27.51
N VAL A 314 7.29 11.31 -27.36
CA VAL A 314 6.16 12.18 -27.65
C VAL A 314 5.94 13.17 -26.51
N PHE A 315 6.23 12.72 -25.28
CA PHE A 315 6.03 13.53 -24.07
C PHE A 315 7.33 13.69 -23.27
N PRO A 316 8.25 14.56 -23.74
CA PRO A 316 9.54 14.72 -23.07
C PRO A 316 9.55 15.65 -21.86
N ALA A 317 8.39 16.15 -21.43
CA ALA A 317 8.34 17.13 -20.33
C ALA A 317 8.95 16.59 -19.03
N VAL A 318 8.76 15.29 -18.78
CA VAL A 318 9.28 14.68 -17.56
C VAL A 318 10.80 14.61 -17.59
N GLU A 319 11.37 14.20 -18.73
CA GLU A 319 12.82 14.18 -18.90
C GLU A 319 13.45 15.56 -18.75
N LEU A 320 12.78 16.57 -19.28
CA LEU A 320 13.24 17.95 -19.16
C LEU A 320 13.23 18.40 -17.70
N ALA A 321 12.22 17.97 -16.95
CA ALA A 321 12.15 18.27 -15.54
C ALA A 321 13.31 17.63 -14.78
N ARG A 322 13.60 16.37 -15.10
CA ARG A 322 14.74 15.65 -14.52
C ARG A 322 16.05 16.39 -14.78
N GLN A 323 16.24 16.85 -16.03
CA GLN A 323 17.43 17.59 -16.40
C GLN A 323 17.55 18.89 -15.60
N ALA A 324 16.45 19.64 -15.51
CA ALA A 324 16.40 20.88 -14.73
C ALA A 324 16.67 20.58 -13.24
N GLY A 325 16.08 19.50 -12.75
CA GLY A 325 16.23 19.11 -11.36
C GLY A 325 17.65 18.73 -10.99
N VAL A 326 18.30 17.96 -11.85
CA VAL A 326 19.70 17.56 -11.64
C VAL A 326 20.64 18.77 -11.67
N ALA A 327 20.38 19.72 -12.57
CA ALA A 327 21.10 20.99 -12.61
C ALA A 327 20.94 21.73 -11.28
N GLY A 328 19.72 21.75 -10.76
CA GLY A 328 19.44 22.30 -9.43
C GLY A 328 19.53 23.81 -9.39
N GLY A 329 19.75 24.36 -8.19
CA GLY A 329 19.79 25.81 -8.00
C GLY A 329 18.49 26.47 -8.41
N CYS A 330 18.57 27.40 -9.35
CA CYS A 330 17.39 28.10 -9.85
C CYS A 330 16.84 27.50 -11.15
N MET A 331 17.38 26.36 -11.58
CA MET A 331 16.97 25.77 -12.85
C MET A 331 15.53 25.27 -12.85
N THR A 332 15.06 24.82 -11.69
CA THR A 332 13.68 24.36 -11.58
C THR A 332 12.70 25.54 -11.63
N ALA A 333 13.10 26.68 -11.06
CA ALA A 333 12.35 27.92 -11.24
C ALA A 333 12.25 28.31 -12.72
N VAL A 334 13.36 28.12 -13.45
CA VAL A 334 13.40 28.39 -14.89
C VAL A 334 12.42 27.49 -15.63
N TYR A 335 12.48 26.19 -15.33
CA TYR A 335 11.58 25.20 -15.93
C TYR A 335 10.13 25.65 -15.77
N ASN A 336 9.73 25.96 -14.54
CA ASN A 336 8.35 26.35 -14.28
C ASN A 336 7.97 27.68 -14.94
N ALA A 337 8.85 28.67 -14.84
CA ALA A 337 8.59 29.99 -15.43
C ALA A 337 8.45 29.93 -16.94
N ALA A 338 9.31 29.16 -17.59
CA ALA A 338 9.23 28.95 -19.04
C ALA A 338 7.87 28.34 -19.39
N ASN A 339 7.45 27.34 -18.63
CA ASN A 339 6.12 26.74 -18.85
C ASN A 339 4.99 27.75 -18.70
N GLU A 340 5.02 28.54 -17.63
CA GLU A 340 3.94 29.49 -17.37
C GLU A 340 3.73 30.42 -18.59
N GLU A 341 4.84 30.88 -19.16
CA GLU A 341 4.76 31.77 -20.32
C GLU A 341 4.31 31.05 -21.59
N ALA A 342 4.90 29.89 -21.87
CA ALA A 342 4.53 29.12 -23.07
C ALA A 342 3.08 28.66 -22.99
N ALA A 343 2.65 28.21 -21.81
CA ALA A 343 1.26 27.77 -21.59
C ALA A 343 0.27 28.90 -21.83
N ALA A 344 0.61 30.11 -21.36
CA ALA A 344 -0.21 31.30 -21.59
C ALA A 344 -0.34 31.57 -23.08
N ALA A 345 0.78 31.45 -23.81
CA ALA A 345 0.80 31.65 -25.26
C ALA A 345 -0.09 30.64 -25.99
N PHE A 346 -0.02 29.38 -25.56
CA PHE A 346 -0.89 28.35 -26.13
C PHE A 346 -2.38 28.63 -25.90
N LEU A 347 -2.73 28.94 -24.65
CA LEU A 347 -4.12 29.22 -24.30
C LEU A 347 -4.69 30.45 -25.02
N ALA A 348 -3.78 31.35 -25.42
CA ALA A 348 -4.15 32.57 -26.12
C ALA A 348 -4.20 32.37 -27.64
N GLY A 349 -3.86 31.17 -28.10
CA GLY A 349 -3.92 30.82 -29.52
C GLY A 349 -2.73 31.30 -30.34
N ARG A 350 -1.63 31.60 -29.66
CA ARG A 350 -0.43 32.17 -30.27
C ARG A 350 0.57 31.13 -30.76
N ILE A 351 0.67 30.00 -30.05
CA ILE A 351 1.55 28.91 -30.45
C ILE A 351 0.80 27.58 -30.45
N GLY A 352 1.36 26.58 -31.12
CA GLY A 352 0.81 25.23 -31.11
C GLY A 352 1.14 24.48 -29.83
N PHE A 353 0.37 23.41 -29.58
CA PHE A 353 0.58 22.57 -28.39
C PHE A 353 2.00 22.02 -28.19
N PRO A 354 2.61 21.41 -29.24
CA PRO A 354 3.98 20.89 -29.09
C PRO A 354 5.02 21.96 -28.77
N ALA A 355 4.70 23.23 -29.04
CA ALA A 355 5.61 24.34 -28.80
C ALA A 355 5.79 24.65 -27.30
N ILE A 356 4.85 24.20 -26.47
CA ILE A 356 4.98 24.41 -25.03
C ILE A 356 6.27 23.79 -24.52
N VAL A 357 6.42 22.49 -24.72
CA VAL A 357 7.62 21.78 -24.27
C VAL A 357 8.84 22.17 -25.10
N GLY A 358 8.60 22.56 -26.35
CA GLY A 358 9.67 23.04 -27.23
C GLY A 358 10.30 24.31 -26.68
N ILE A 359 9.46 25.25 -26.24
CA ILE A 359 9.93 26.49 -25.61
C ILE A 359 10.65 26.21 -24.27
N ILE A 360 10.10 25.34 -23.43
CA ILE A 360 10.77 24.97 -22.18
C ILE A 360 12.19 24.46 -22.44
N ALA A 361 12.33 23.57 -23.40
CA ALA A 361 13.63 23.01 -23.77
C ALA A 361 14.60 24.09 -24.25
N ASP A 362 14.12 24.99 -25.10
CA ASP A 362 14.93 26.09 -25.63
C ASP A 362 15.42 27.02 -24.51
N VAL A 363 14.53 27.34 -23.58
CA VAL A 363 14.87 28.21 -22.45
C VAL A 363 15.90 27.55 -21.54
N LEU A 364 15.71 26.26 -21.23
CA LEU A 364 16.65 25.51 -20.39
C LEU A 364 18.06 25.40 -20.97
N HIS A 365 18.16 25.16 -22.28
CA HIS A 365 19.46 25.05 -22.96
C HIS A 365 20.26 26.36 -22.87
N ALA A 366 19.56 27.48 -22.75
CA ALA A 366 20.19 28.79 -22.66
C ALA A 366 20.45 29.25 -21.21
N ALA A 367 20.03 28.44 -20.24
CA ALA A 367 19.93 28.88 -18.84
C ALA A 367 21.17 28.60 -17.98
N ASP A 368 22.34 28.55 -18.61
CA ASP A 368 23.62 28.28 -17.95
C ASP A 368 23.77 28.83 -16.52
N GLN A 369 23.59 30.14 -16.38
CA GLN A 369 23.92 30.81 -15.12
C GLN A 369 22.97 30.49 -13.97
N TRP A 370 21.85 29.85 -14.26
CA TRP A 370 20.82 29.62 -13.24
C TRP A 370 20.98 28.34 -12.42
N ALA A 371 22.10 27.64 -12.62
CA ALA A 371 22.44 26.46 -11.82
C ALA A 371 22.89 26.83 -10.40
N VAL A 372 23.17 28.11 -10.19
CA VAL A 372 23.61 28.61 -8.89
C VAL A 372 22.48 28.48 -7.87
N GLU A 373 22.82 28.10 -6.63
CA GLU A 373 21.84 27.97 -5.56
C GLU A 373 21.32 29.33 -5.15
N PRO A 374 19.99 29.45 -4.98
CA PRO A 374 19.42 30.72 -4.52
C PRO A 374 19.78 30.99 -3.06
N ALA A 375 20.28 32.20 -2.81
CA ALA A 375 20.60 32.64 -1.45
C ALA A 375 19.43 33.38 -0.85
N THR A 376 18.71 34.12 -1.70
CA THR A 376 17.58 34.95 -1.31
C THR A 376 16.43 34.74 -2.28
N VAL A 377 15.23 35.15 -1.87
CA VAL A 377 14.05 35.13 -2.76
C VAL A 377 14.32 35.92 -4.05
N ASP A 378 15.12 36.98 -3.95
CA ASP A 378 15.46 37.78 -5.13
C ASP A 378 16.18 36.97 -6.20
N ASP A 379 17.01 36.01 -5.78
CA ASP A 379 17.71 35.13 -6.73
C ASP A 379 16.73 34.32 -7.56
N VAL A 380 15.74 33.72 -6.89
CA VAL A 380 14.68 32.96 -7.56
C VAL A 380 13.89 33.88 -8.50
N LEU A 381 13.56 35.08 -8.01
CA LEU A 381 12.81 36.04 -8.80
C LEU A 381 13.59 36.48 -10.06
N ASP A 382 14.91 36.65 -9.91
CA ASP A 382 15.79 36.98 -11.04
C ASP A 382 15.74 35.89 -12.11
N ALA A 383 15.86 34.64 -11.68
CA ALA A 383 15.81 33.49 -12.57
C ALA A 383 14.50 33.44 -13.35
N GLN A 384 13.40 33.65 -12.64
CA GLN A 384 12.08 33.65 -13.24
C GLN A 384 11.90 34.80 -14.24
N ARG A 385 12.38 35.99 -13.86
CA ARG A 385 12.33 37.14 -14.75
C ARG A 385 13.04 36.82 -16.06
N TRP A 386 14.26 36.29 -15.95
CA TRP A 386 15.05 35.91 -17.11
C TRP A 386 14.32 34.87 -17.97
N ALA A 387 13.78 33.83 -17.32
CA ALA A 387 13.12 32.75 -18.03
C ALA A 387 11.87 33.22 -18.77
N ARG A 388 11.10 34.11 -18.15
CA ARG A 388 9.91 34.69 -18.77
C ARG A 388 10.26 35.48 -20.03
N GLU A 389 11.33 36.28 -19.94
CA GLU A 389 11.81 37.04 -21.08
C GLU A 389 12.28 36.12 -22.20
N ARG A 390 13.10 35.13 -21.85
CA ARG A 390 13.63 34.17 -22.83
C ARG A 390 12.54 33.34 -23.49
N ALA A 391 11.50 32.99 -22.72
CA ALA A 391 10.35 32.28 -23.28
C ALA A 391 9.60 33.15 -24.28
N GLN A 392 9.44 34.44 -23.94
CA GLN A 392 8.84 35.41 -24.85
C GLN A 392 9.66 35.54 -26.14
N ARG A 393 10.98 35.57 -25.99
CA ARG A 393 11.89 35.57 -27.13
C ARG A 393 11.64 34.35 -28.02
N ALA A 394 11.48 33.18 -27.39
CA ALA A 394 11.21 31.94 -28.12
C ALA A 394 9.86 31.96 -28.83
N VAL A 395 8.86 32.57 -28.21
CA VAL A 395 7.53 32.72 -28.81
C VAL A 395 7.62 33.63 -30.05
N SER A 396 8.34 34.75 -29.89
CA SER A 396 8.51 35.74 -30.96
C SER A 396 9.17 35.18 -32.22
N GLY A 397 9.98 34.13 -32.04
CA GLY A 397 10.65 33.46 -33.15
C GLY A 397 9.80 32.40 -33.82
N MET A 398 8.53 32.31 -33.41
CA MET A 398 7.58 31.34 -33.97
C MET A 398 6.48 32.05 -34.74
N GLY B 20 22.05 -7.21 13.37
CA GLY B 20 22.69 -8.39 14.03
C GLY B 20 22.14 -9.72 13.54
N ARG B 21 22.87 -10.79 13.84
CA ARG B 21 22.55 -12.12 13.31
C ARG B 21 21.50 -12.84 14.14
N LEU B 22 20.37 -13.18 13.50
CA LEU B 22 19.28 -13.85 14.20
C LEU B 22 19.43 -15.37 14.14
N ARG B 23 19.32 -16.00 15.31
CA ARG B 23 19.35 -17.46 15.42
C ARG B 23 17.98 -18.04 15.10
N VAL B 24 17.93 -18.87 14.06
CA VAL B 24 16.66 -19.37 13.53
C VAL B 24 16.53 -20.89 13.67
N VAL B 25 15.43 -21.33 14.27
CA VAL B 25 15.04 -22.74 14.27
C VAL B 25 14.03 -22.95 13.14
N VAL B 26 14.34 -23.89 12.24
CA VAL B 26 13.42 -24.16 11.12
C VAL B 26 12.69 -25.49 11.34
N LEU B 27 11.40 -25.37 11.68
CA LEU B 27 10.53 -26.54 11.85
C LEU B 27 9.81 -26.83 10.54
N GLY B 28 9.89 -28.08 10.09
CA GLY B 28 9.37 -28.46 8.77
C GLY B 28 10.37 -28.07 7.69
N SER B 29 11.63 -28.44 7.89
CA SER B 29 12.72 -27.94 7.06
C SER B 29 12.73 -28.53 5.66
N THR B 30 11.97 -29.61 5.47
CA THR B 30 12.01 -30.32 4.18
C THR B 30 10.85 -29.96 3.26
N GLY B 31 9.91 -29.15 3.75
CA GLY B 31 8.78 -28.69 2.94
C GLY B 31 9.10 -27.50 2.06
N SER B 32 8.10 -27.01 1.33
CA SER B 32 8.27 -25.86 0.43
C SER B 32 8.74 -24.63 1.18
N ILE B 33 8.03 -24.30 2.27
CA ILE B 33 8.36 -23.10 3.03
C ILE B 33 9.72 -23.22 3.71
N GLY B 34 9.96 -24.36 4.36
CA GLY B 34 11.24 -24.61 5.05
C GLY B 34 12.44 -24.52 4.13
N THR B 35 12.34 -25.16 2.95
CA THR B 35 13.46 -25.14 2.00
C THR B 35 13.70 -23.75 1.42
N GLN B 36 12.63 -23.01 1.12
CA GLN B 36 12.78 -21.63 0.66
C GLN B 36 13.39 -20.76 1.76
N ALA B 37 12.95 -20.98 3.00
CA ALA B 37 13.53 -20.24 4.13
C ALA B 37 15.05 -20.48 4.23
N LEU B 38 15.46 -21.73 4.08
CA LEU B 38 16.88 -22.07 4.14
C LEU B 38 17.69 -21.38 3.03
N GLN B 39 17.07 -21.23 1.86
CA GLN B 39 17.67 -20.47 0.76
C GLN B 39 17.85 -19.00 1.12
N VAL B 40 16.82 -18.39 1.71
CA VAL B 40 16.93 -17.01 2.18
C VAL B 40 18.08 -16.87 3.19
N ILE B 41 18.15 -17.82 4.13
CA ILE B 41 19.17 -17.82 5.17
C ILE B 41 20.56 -18.01 4.56
N ALA B 42 20.66 -18.95 3.61
CA ALA B 42 21.94 -19.18 2.93
C ALA B 42 22.42 -17.94 2.19
N ASP B 43 21.49 -17.19 1.60
CA ASP B 43 21.81 -15.98 0.84
C ASP B 43 22.12 -14.76 1.72
N ASN B 44 21.77 -14.87 3.01
CA ASN B 44 21.91 -13.75 3.94
C ASN B 44 22.59 -14.15 5.27
N PRO B 45 23.85 -14.64 5.19
CA PRO B 45 24.54 -15.13 6.40
C PRO B 45 24.82 -14.06 7.44
N ASP B 46 24.86 -12.79 7.04
CA ASP B 46 25.06 -11.70 8.01
C ASP B 46 23.82 -11.45 8.86
N ARG B 47 22.66 -11.82 8.33
CA ARG B 47 21.35 -11.57 8.95
C ARG B 47 20.81 -12.77 9.73
N PHE B 48 21.10 -13.98 9.26
CA PHE B 48 20.50 -15.19 9.83
C PHE B 48 21.48 -16.33 10.00
N GLU B 49 21.28 -17.12 11.06
CA GLU B 49 22.00 -18.38 11.22
C GLU B 49 21.03 -19.48 11.66
N VAL B 50 21.12 -20.64 11.01
CA VAL B 50 20.31 -21.79 11.39
C VAL B 50 20.89 -22.43 12.65
N VAL B 51 20.04 -22.65 13.65
CA VAL B 51 20.49 -23.29 14.89
C VAL B 51 19.71 -24.56 15.24
N GLY B 52 18.72 -24.90 14.41
CA GLY B 52 17.94 -26.12 14.61
C GLY B 52 17.12 -26.44 13.38
N LEU B 53 16.91 -27.73 13.14
CA LEU B 53 16.08 -28.20 12.04
C LEU B 53 15.20 -29.33 12.54
N ALA B 54 13.93 -29.32 12.18
CA ALA B 54 13.03 -30.42 12.50
C ALA B 54 12.23 -30.82 11.26
N ALA B 55 12.02 -32.13 11.12
CA ALA B 55 11.19 -32.64 10.03
C ALA B 55 10.37 -33.81 10.54
N GLY B 56 9.35 -34.18 9.77
CA GLY B 56 8.48 -35.30 10.12
C GLY B 56 9.13 -36.66 9.99
N GLY B 57 9.95 -36.86 8.95
CA GLY B 57 10.59 -38.14 8.72
C GLY B 57 10.39 -38.73 7.32
N ALA B 58 9.31 -38.34 6.66
CA ALA B 58 9.04 -38.82 5.29
C ALA B 58 10.16 -38.44 4.33
N HIS B 59 10.81 -37.30 4.60
CA HIS B 59 11.92 -36.83 3.77
C HIS B 59 13.20 -36.79 4.58
N LEU B 60 13.49 -37.90 5.27
CA LEU B 60 14.67 -38.00 6.10
C LEU B 60 15.97 -37.74 5.33
N ASP B 61 16.04 -38.24 4.10
CA ASP B 61 17.24 -38.06 3.28
C ASP B 61 17.55 -36.58 3.07
N THR B 62 16.53 -35.78 2.80
CA THR B 62 16.69 -34.34 2.68
C THR B 62 17.22 -33.74 3.98
N LEU B 63 16.62 -34.11 5.12
CA LEU B 63 17.09 -33.61 6.41
C LEU B 63 18.56 -33.92 6.65
N LEU B 64 18.97 -35.15 6.33
CA LEU B 64 20.36 -35.55 6.55
C LEU B 64 21.32 -34.75 5.67
N ARG B 65 20.90 -34.48 4.44
CA ARG B 65 21.66 -33.62 3.53
C ARG B 65 21.73 -32.20 4.07
N GLN B 66 20.65 -31.73 4.70
CA GLN B 66 20.62 -30.40 5.31
C GLN B 66 21.57 -30.31 6.49
N ARG B 67 21.63 -31.38 7.29
CA ARG B 67 22.60 -31.47 8.37
C ARG B 67 24.03 -31.39 7.84
N ALA B 68 24.29 -32.13 6.76
CA ALA B 68 25.62 -32.13 6.15
C ALA B 68 26.00 -30.75 5.61
N GLN B 69 25.04 -30.11 4.91
CA GLN B 69 25.24 -28.82 4.26
C GLN B 69 25.41 -27.65 5.25
N THR B 70 24.53 -27.58 6.25
CA THR B 70 24.52 -26.47 7.22
C THR B 70 25.48 -26.68 8.38
N GLY B 71 25.82 -27.94 8.64
CA GLY B 71 26.62 -28.30 9.81
C GLY B 71 25.79 -28.32 11.08
N VAL B 72 24.47 -28.11 10.94
CA VAL B 72 23.57 -28.12 12.09
C VAL B 72 23.28 -29.56 12.50
N THR B 73 23.75 -29.93 13.69
CA THR B 73 23.53 -31.27 14.23
C THR B 73 22.32 -31.26 15.18
N ASN B 74 21.86 -30.08 15.55
CA ASN B 74 20.69 -29.93 16.41
C ASN B 74 19.42 -30.16 15.58
N ILE B 75 19.09 -31.44 15.40
CA ILE B 75 17.99 -31.82 14.52
C ILE B 75 16.96 -32.73 15.20
N ALA B 76 15.73 -32.65 14.73
CA ALA B 76 14.62 -33.44 15.26
C ALA B 76 13.88 -34.17 14.15
N VAL B 77 13.53 -35.42 14.42
CA VAL B 77 12.72 -36.24 13.51
C VAL B 77 11.53 -36.80 14.29
N ALA B 78 10.32 -36.44 13.86
CA ALA B 78 9.09 -36.85 14.55
C ALA B 78 8.83 -38.35 14.48
N ASP B 79 9.06 -38.93 13.32
CA ASP B 79 8.79 -40.35 13.08
C ASP B 79 9.90 -41.18 13.71
N GLU B 80 9.59 -41.80 14.86
CA GLU B 80 10.54 -42.65 15.59
C GLU B 80 10.98 -43.81 14.71
N HIS B 81 10.04 -44.34 13.95
CA HIS B 81 10.30 -45.41 13.01
C HIS B 81 11.32 -45.00 11.94
N ALA B 82 11.19 -43.78 11.41
CA ALA B 82 12.15 -43.22 10.45
C ALA B 82 13.50 -42.88 11.10
N ALA B 83 13.46 -42.44 12.36
CA ALA B 83 14.66 -42.12 13.12
C ALA B 83 15.58 -43.33 13.31
N GLN B 84 15.02 -44.53 13.25
CA GLN B 84 15.76 -45.80 13.37
C GLN B 84 16.86 -45.94 12.32
N ARG B 85 16.78 -45.18 11.24
CA ARG B 85 17.74 -45.26 10.14
C ARG B 85 19.03 -44.47 10.41
N VAL B 86 19.03 -43.66 11.46
CA VAL B 86 20.17 -42.83 11.81
C VAL B 86 20.50 -43.00 13.30
N GLY B 87 21.79 -43.03 13.64
CA GLY B 87 22.19 -43.29 15.02
C GLY B 87 22.45 -42.07 15.89
N ASP B 88 22.36 -40.88 15.30
CA ASP B 88 22.83 -39.66 15.96
C ASP B 88 21.87 -38.46 15.89
N ILE B 89 20.57 -38.73 15.96
CA ILE B 89 19.57 -37.67 16.01
C ILE B 89 19.26 -37.36 17.48
N PRO B 90 19.55 -36.12 17.93
CA PRO B 90 19.34 -35.80 19.35
C PRO B 90 17.87 -35.81 19.80
N TYR B 91 16.96 -35.48 18.89
CA TYR B 91 15.53 -35.46 19.21
C TYR B 91 14.75 -36.31 18.24
N HIS B 92 14.10 -37.35 18.75
CA HIS B 92 13.29 -38.25 17.92
C HIS B 92 12.05 -38.74 18.65
N GLY B 93 10.99 -39.02 17.90
CA GLY B 93 9.74 -39.46 18.48
C GLY B 93 8.69 -38.37 18.46
N SER B 94 7.53 -38.67 19.04
CA SER B 94 6.31 -37.86 18.85
C SER B 94 6.47 -36.35 19.10
N ASP B 95 7.05 -35.99 20.24
CA ASP B 95 7.22 -34.57 20.56
C ASP B 95 8.64 -34.05 20.30
N ALA B 96 9.33 -34.65 19.33
CA ALA B 96 10.69 -34.25 19.02
C ALA B 96 10.81 -32.75 18.71
N ALA B 97 9.92 -32.23 17.87
CA ALA B 97 10.00 -30.83 17.45
C ALA B 97 9.80 -29.89 18.65
N THR B 98 8.83 -30.24 19.51
CA THR B 98 8.57 -29.47 20.72
C THR B 98 9.79 -29.47 21.64
N ARG B 99 10.38 -30.65 21.86
CA ARG B 99 11.57 -30.75 22.71
C ARG B 99 12.76 -29.97 22.16
N LEU B 100 12.94 -29.99 20.84
CA LEU B 100 14.00 -29.19 20.22
C LEU B 100 13.78 -27.70 20.51
N VAL B 101 12.56 -27.22 20.31
CA VAL B 101 12.23 -25.81 20.53
C VAL B 101 12.46 -25.43 21.99
N GLU B 102 12.04 -26.30 22.91
CA GLU B 102 12.20 -26.07 24.34
C GLU B 102 13.67 -25.96 24.77
N GLN B 103 14.56 -26.70 24.09
CA GLN B 103 15.94 -26.83 24.53
C GLN B 103 16.97 -26.08 23.68
N THR B 104 16.49 -25.30 22.72
CA THR B 104 17.38 -24.57 21.82
C THR B 104 17.23 -23.07 21.98
N GLU B 105 18.35 -22.39 22.25
CA GLU B 105 18.38 -20.93 22.29
C GLU B 105 18.22 -20.39 20.88
N ALA B 106 17.19 -19.57 20.67
CA ALA B 106 16.91 -18.99 19.35
C ALA B 106 16.19 -17.66 19.45
N ASP B 107 16.32 -16.88 18.39
CA ASP B 107 15.65 -15.59 18.27
C ASP B 107 14.33 -15.72 17.52
N VAL B 108 14.31 -16.61 16.53
CA VAL B 108 13.13 -16.81 15.69
C VAL B 108 12.89 -18.30 15.51
N VAL B 109 11.65 -18.72 15.68
CA VAL B 109 11.25 -20.09 15.32
C VAL B 109 10.33 -20.00 14.11
N LEU B 110 10.75 -20.61 13.00
CA LEU B 110 9.91 -20.71 11.82
C LEU B 110 9.15 -22.01 11.93
N ASN B 111 7.83 -21.92 12.10
CA ASN B 111 7.01 -23.13 12.16
C ASN B 111 6.33 -23.37 10.83
N ALA B 112 6.94 -24.23 10.02
CA ALA B 112 6.40 -24.63 8.72
C ALA B 112 6.03 -26.12 8.73
N LEU B 113 5.70 -26.62 9.91
CA LEU B 113 5.21 -27.98 10.04
C LEU B 113 3.80 -28.05 9.47
N VAL B 114 3.39 -29.25 9.07
CA VAL B 114 2.10 -29.47 8.43
C VAL B 114 1.10 -30.03 9.44
N GLY B 115 -0.08 -29.42 9.49
CA GLY B 115 -1.20 -29.92 10.27
C GLY B 115 -1.01 -29.96 11.77
N ALA B 116 -1.59 -30.99 12.39
CA ALA B 116 -1.64 -31.13 13.84
C ALA B 116 -0.29 -31.12 14.55
N LEU B 117 0.75 -31.64 13.88
CA LEU B 117 2.08 -31.68 14.50
C LEU B 117 2.69 -30.29 14.71
N GLY B 118 2.03 -29.26 14.16
CA GLY B 118 2.48 -27.88 14.32
C GLY B 118 1.99 -27.16 15.58
N LEU B 119 0.92 -27.64 16.20
CA LEU B 119 0.30 -26.91 17.31
C LEU B 119 1.16 -26.87 18.59
N ARG B 120 1.59 -28.04 19.07
CA ARG B 120 2.44 -28.07 20.27
C ARG B 120 3.76 -27.29 20.10
N PRO B 121 4.49 -27.47 18.98
CA PRO B 121 5.66 -26.62 18.75
C PRO B 121 5.38 -25.11 18.75
N THR B 122 4.23 -24.69 18.23
CA THR B 122 3.83 -23.28 18.32
C THR B 122 3.75 -22.83 19.78
N LEU B 123 3.04 -23.59 20.61
CA LEU B 123 2.91 -23.23 22.02
C LEU B 123 4.27 -23.21 22.72
N ALA B 124 5.13 -24.17 22.40
CA ALA B 124 6.47 -24.19 23.00
C ALA B 124 7.30 -22.99 22.56
N ALA B 125 7.22 -22.65 21.27
CA ALA B 125 7.95 -21.50 20.73
C ALA B 125 7.52 -20.20 21.42
N LEU B 126 6.21 -20.03 21.59
CA LEU B 126 5.68 -18.82 22.22
C LEU B 126 6.19 -18.72 23.66
N LYS B 127 6.23 -19.86 24.35
CA LYS B 127 6.68 -19.88 25.75
C LYS B 127 8.16 -19.50 25.91
N THR B 128 9.00 -19.84 24.94
CA THR B 128 10.43 -19.48 24.97
C THR B 128 10.68 -17.97 24.88
N GLY B 129 9.70 -17.24 24.35
CA GLY B 129 9.82 -15.79 24.16
C GLY B 129 10.44 -15.39 22.83
N ALA B 130 10.73 -16.39 22.00
CA ALA B 130 11.21 -16.15 20.64
C ALA B 130 10.08 -15.62 19.76
N ARG B 131 10.46 -14.93 18.70
CA ARG B 131 9.52 -14.55 17.67
C ARG B 131 9.11 -15.82 16.92
N LEU B 132 7.81 -15.97 16.66
CA LEU B 132 7.29 -17.12 15.91
C LEU B 132 6.91 -16.70 14.50
N ALA B 133 7.71 -17.11 13.52
CA ALA B 133 7.37 -16.90 12.13
C ALA B 133 6.45 -18.07 11.74
N LEU B 134 5.16 -17.78 11.63
CA LEU B 134 4.17 -18.85 11.59
C LEU B 134 3.64 -19.10 10.19
N ALA B 135 3.86 -20.33 9.72
CA ALA B 135 3.31 -20.78 8.44
C ALA B 135 2.17 -21.77 8.67
N ASN B 136 2.37 -22.65 9.66
CA ASN B 136 1.40 -23.68 10.05
C ASN B 136 0.00 -23.09 10.31
N LYS B 137 -0.96 -23.47 9.49
CA LYS B 137 -2.33 -22.93 9.57
C LYS B 137 -3.09 -23.48 10.78
N GLU B 138 -2.86 -24.75 11.08
CA GLU B 138 -3.48 -25.46 12.20
C GLU B 138 -3.37 -24.67 13.50
N SER B 139 -2.19 -24.08 13.71
CA SER B 139 -1.91 -23.35 14.95
C SER B 139 -2.99 -22.30 15.24
N LEU B 140 -3.37 -21.51 14.24
CA LEU B 140 -4.41 -20.51 14.48
C LEU B 140 -5.83 -21.00 14.21
N VAL B 141 -6.03 -21.70 13.08
CA VAL B 141 -7.36 -22.14 12.69
C VAL B 141 -7.95 -23.11 13.72
N ALA B 142 -7.13 -24.03 14.21
CA ALA B 142 -7.57 -25.02 15.18
C ALA B 142 -7.28 -24.58 16.61
N GLY B 143 -6.06 -24.12 16.86
CA GLY B 143 -5.61 -23.69 18.19
C GLY B 143 -6.36 -22.49 18.72
N GLY B 144 -6.66 -21.53 17.85
CA GLY B 144 -7.48 -20.37 18.20
C GLY B 144 -7.05 -19.66 19.47
N SER B 145 -7.96 -19.58 20.44
CA SER B 145 -7.67 -18.85 21.69
C SER B 145 -6.52 -19.44 22.51
N LEU B 146 -6.26 -20.74 22.37
N LEU B 146 -6.25 -20.73 22.36
CA LEU B 146 -5.13 -21.38 23.05
CA LEU B 146 -5.16 -21.40 23.05
C LEU B 146 -3.83 -20.71 22.66
C LEU B 146 -3.79 -20.82 22.64
N VAL B 147 -3.65 -20.54 21.35
CA VAL B 147 -2.45 -19.90 20.82
C VAL B 147 -2.42 -18.41 21.13
N LEU B 148 -3.56 -17.73 20.94
CA LEU B 148 -3.61 -16.30 21.17
C LEU B 148 -3.32 -15.91 22.62
N ARG B 149 -3.86 -16.68 23.55
CA ARG B 149 -3.63 -16.45 24.98
C ARG B 149 -2.18 -16.68 25.39
N ALA B 150 -1.46 -17.49 24.63
CA ALA B 150 -0.06 -17.79 24.88
C ALA B 150 0.88 -16.79 24.20
N ALA B 151 0.37 -16.07 23.20
CA ALA B 151 1.20 -15.16 22.43
C ALA B 151 1.15 -13.75 22.99
N ARG B 152 2.26 -13.04 22.89
CA ARG B 152 2.29 -11.65 23.28
C ARG B 152 2.27 -10.76 22.03
N PRO B 153 1.87 -9.49 22.18
CA PRO B 153 1.73 -8.64 21.01
C PRO B 153 2.97 -8.65 20.16
N GLY B 154 2.79 -8.86 18.85
CA GLY B 154 3.89 -8.83 17.90
C GLY B 154 4.74 -10.08 17.86
N GLN B 155 4.46 -11.05 18.73
CA GLN B 155 5.29 -12.26 18.81
C GLN B 155 5.13 -13.15 17.59
N ILE B 156 3.90 -13.25 17.08
CA ILE B 156 3.63 -14.02 15.89
C ILE B 156 3.75 -13.12 14.67
N VAL B 157 4.58 -13.53 13.72
CA VAL B 157 4.68 -12.85 12.42
C VAL B 157 4.29 -13.84 11.33
N PRO B 158 3.25 -13.50 10.55
CA PRO B 158 2.72 -14.45 9.57
C PRO B 158 3.62 -14.61 8.35
N VAL B 159 3.67 -15.83 7.84
CA VAL B 159 4.50 -16.19 6.68
C VAL B 159 3.71 -16.14 5.38
N ASP B 160 2.41 -16.40 5.43
CA ASP B 160 1.69 -16.47 4.17
C ASP B 160 1.52 -15.11 3.50
N SER B 161 1.47 -15.12 2.17
CA SER B 161 1.51 -13.87 1.39
C SER B 161 0.44 -12.84 1.76
N GLU B 162 -0.80 -13.29 1.93
CA GLU B 162 -1.90 -12.35 2.26
C GLU B 162 -1.70 -11.69 3.62
N HIS B 163 -1.37 -12.50 4.63
CA HIS B 163 -1.17 -11.96 5.98
C HIS B 163 0.08 -11.07 6.05
N SER B 164 1.13 -11.46 5.33
CA SER B 164 2.32 -10.64 5.23
C SER B 164 2.02 -9.28 4.62
N ALA B 165 1.19 -9.28 3.56
CA ALA B 165 0.74 -8.03 2.92
C ALA B 165 -0.02 -7.17 3.93
N LEU B 166 -0.98 -7.78 4.63
CA LEU B 166 -1.74 -7.06 5.65
C LEU B 166 -0.83 -6.44 6.72
N ALA B 167 0.12 -7.22 7.24
CA ALA B 167 1.06 -6.70 8.25
C ALA B 167 1.80 -5.45 7.76
N GLN B 168 2.22 -5.47 6.50
CA GLN B 168 2.91 -4.33 5.88
C GLN B 168 1.99 -3.12 5.69
N CYS B 169 0.79 -3.37 5.18
CA CYS B 169 -0.18 -2.30 4.91
C CYS B 169 -0.68 -1.63 6.18
N LEU B 170 -0.72 -2.40 7.27
CA LEU B 170 -1.14 -1.86 8.57
C LEU B 170 -0.18 -0.76 9.07
N ARG B 171 1.02 -0.71 8.51
CA ARG B 171 1.97 0.37 8.81
C ARG B 171 1.43 1.74 8.37
N GLY B 172 0.40 1.73 7.53
CA GLY B 172 -0.19 2.95 6.96
C GLY B 172 -0.98 3.82 7.92
N GLY B 173 -1.24 3.30 9.13
CA GLY B 173 -1.93 4.08 10.15
C GLY B 173 -1.88 3.38 11.50
N THR B 174 -2.53 3.97 12.50
CA THR B 174 -2.65 3.34 13.81
C THR B 174 -3.74 2.26 13.75
N PRO B 175 -3.77 1.34 14.74
CA PRO B 175 -4.85 0.37 14.78
C PRO B 175 -6.26 1.00 14.80
N ASP B 176 -6.38 2.16 15.44
CA ASP B 176 -7.65 2.87 15.56
C ASP B 176 -8.16 3.41 14.22
N GLU B 177 -7.25 3.52 13.24
CA GLU B 177 -7.59 4.09 11.93
C GLU B 177 -8.01 3.05 10.91
N VAL B 178 -7.99 1.78 11.30
CA VAL B 178 -8.33 0.69 10.37
C VAL B 178 -9.84 0.60 10.19
N ALA B 179 -10.29 0.61 8.92
CA ALA B 179 -11.69 0.39 8.61
C ALA B 179 -11.95 -1.05 8.19
N LYS B 180 -11.20 -1.51 7.19
CA LYS B 180 -11.40 -2.84 6.62
C LYS B 180 -10.06 -3.50 6.30
N LEU B 181 -10.00 -4.81 6.44
CA LEU B 181 -8.90 -5.60 5.90
C LEU B 181 -9.44 -6.29 4.66
N VAL B 182 -8.71 -6.18 3.55
CA VAL B 182 -9.19 -6.72 2.28
C VAL B 182 -8.20 -7.76 1.75
N LEU B 183 -8.60 -9.02 1.81
CA LEU B 183 -7.77 -10.11 1.29
C LEU B 183 -8.05 -10.31 -0.18
N THR B 184 -6.99 -10.45 -0.96
CA THR B 184 -7.16 -10.85 -2.35
C THR B 184 -7.19 -12.37 -2.44
N ALA B 185 -7.91 -12.87 -3.45
CA ALA B 185 -8.02 -14.29 -3.73
C ALA B 185 -7.82 -14.49 -5.23
N SER B 186 -7.12 -15.55 -5.62
CA SER B 186 -6.88 -15.81 -7.05
C SER B 186 -8.19 -16.12 -7.77
N GLY B 187 -9.16 -16.67 -7.03
CA GLY B 187 -10.41 -17.16 -7.61
C GLY B 187 -10.34 -18.63 -7.97
N GLY B 188 -9.12 -19.17 -8.01
CA GLY B 188 -8.89 -20.57 -8.38
C GLY B 188 -9.21 -20.88 -9.84
N PRO B 189 -9.11 -22.16 -10.22
CA PRO B 189 -9.35 -22.57 -11.60
C PRO B 189 -10.80 -22.34 -12.06
N PHE B 190 -11.72 -22.22 -11.10
CA PHE B 190 -13.15 -22.07 -11.43
C PHE B 190 -13.69 -20.67 -11.20
N ARG B 191 -12.78 -19.69 -11.24
CA ARG B 191 -13.16 -18.29 -11.15
C ARG B 191 -14.19 -18.02 -12.22
N GLY B 192 -15.32 -17.46 -11.80
CA GLY B 192 -16.39 -17.05 -12.70
C GLY B 192 -17.33 -18.15 -13.13
N TRP B 193 -17.07 -19.40 -12.71
CA TRP B 193 -17.94 -20.52 -13.05
C TRP B 193 -19.30 -20.42 -12.36
N SER B 194 -20.33 -20.93 -13.03
CA SER B 194 -21.66 -21.01 -12.45
C SER B 194 -21.78 -22.22 -11.53
N ALA B 195 -22.83 -22.26 -10.72
CA ALA B 195 -23.13 -23.42 -9.89
C ALA B 195 -23.28 -24.67 -10.77
N ALA B 196 -23.96 -24.53 -11.90
CA ALA B 196 -24.12 -25.62 -12.87
C ALA B 196 -22.77 -26.14 -13.38
N ASP B 197 -21.85 -25.21 -13.69
CA ASP B 197 -20.49 -25.56 -14.11
C ASP B 197 -19.77 -26.42 -13.07
N LEU B 198 -19.92 -26.05 -11.79
CA LEU B 198 -19.18 -26.70 -10.70
C LEU B 198 -19.60 -28.13 -10.43
N GLU B 199 -20.80 -28.49 -10.84
CA GLU B 199 -21.30 -29.87 -10.71
C GLU B 199 -20.39 -30.85 -11.44
N HIS B 200 -19.74 -30.38 -12.50
CA HIS B 200 -18.94 -31.22 -13.40
C HIS B 200 -17.48 -31.36 -13.02
N VAL B 201 -17.04 -30.60 -12.00
CA VAL B 201 -15.63 -30.55 -11.62
C VAL B 201 -15.07 -31.92 -11.21
N THR B 202 -13.95 -32.29 -11.83
CA THR B 202 -13.21 -33.50 -11.48
C THR B 202 -12.02 -33.15 -10.59
N PRO B 203 -11.51 -34.13 -9.80
CA PRO B 203 -10.28 -33.87 -9.03
C PRO B 203 -9.13 -33.32 -9.88
N GLU B 204 -8.89 -33.88 -11.07
CA GLU B 204 -7.82 -33.39 -11.94
C GLU B 204 -7.98 -31.90 -12.24
N GLN B 205 -9.20 -31.50 -12.61
CA GLN B 205 -9.52 -30.09 -12.84
C GLN B 205 -9.29 -29.22 -11.60
N ALA B 206 -9.63 -29.78 -10.43
CA ALA B 206 -9.47 -29.08 -9.15
C ALA B 206 -8.00 -29.05 -8.69
N GLY B 207 -7.12 -29.60 -9.52
CA GLY B 207 -5.69 -29.52 -9.29
C GLY B 207 -5.07 -30.71 -8.57
N ALA B 208 -5.76 -31.86 -8.65
CA ALA B 208 -5.20 -33.10 -8.11
C ALA B 208 -4.15 -33.69 -9.05
N HIS B 209 -2.95 -33.10 -8.99
CA HIS B 209 -1.77 -33.64 -9.66
C HIS B 209 -0.75 -33.92 -8.56
N PRO B 210 -0.06 -35.09 -8.62
CA PRO B 210 0.93 -35.44 -7.61
C PRO B 210 2.18 -34.59 -7.73
N THR B 211 2.10 -33.36 -7.21
CA THR B 211 3.21 -32.41 -7.26
C THR B 211 4.27 -32.81 -6.24
N TRP B 212 5.53 -32.62 -6.63
CA TRP B 212 6.68 -33.11 -5.87
C TRP B 212 6.82 -32.51 -4.46
N SER B 213 6.36 -31.28 -4.29
CA SER B 213 6.56 -30.52 -3.05
C SER B 213 5.33 -30.49 -2.15
N MET B 214 4.14 -30.54 -2.76
CA MET B 214 2.90 -30.38 -2.03
C MET B 214 1.88 -31.48 -2.32
N GLY B 215 1.00 -31.73 -1.34
CA GLY B 215 -0.12 -32.64 -1.53
C GLY B 215 -1.26 -31.93 -2.25
N PRO B 216 -2.34 -32.67 -2.56
CA PRO B 216 -3.43 -32.11 -3.37
C PRO B 216 -4.34 -31.13 -2.62
N MET B 217 -4.19 -31.03 -1.30
CA MET B 217 -5.07 -30.18 -0.49
C MET B 217 -4.92 -28.68 -0.74
N ASN B 218 -3.70 -28.22 -0.97
CA ASN B 218 -3.44 -26.79 -1.22
C ASN B 218 -4.17 -26.27 -2.47
N THR B 219 -4.05 -27.00 -3.57
CA THR B 219 -4.69 -26.60 -4.82
C THR B 219 -6.22 -26.72 -4.71
N LEU B 220 -6.68 -27.81 -4.09
CA LEU B 220 -8.10 -28.04 -3.91
C LEU B 220 -8.75 -26.95 -3.04
N ASN B 221 -8.11 -26.63 -1.91
CA ASN B 221 -8.60 -25.57 -1.02
C ASN B 221 -8.66 -24.20 -1.70
N SER B 222 -7.72 -23.94 -2.61
CA SER B 222 -7.75 -22.72 -3.40
C SER B 222 -8.99 -22.72 -4.30
N ALA B 223 -9.22 -23.84 -4.97
CA ALA B 223 -10.34 -23.99 -5.91
C ALA B 223 -11.71 -23.86 -5.24
N SER B 224 -11.83 -24.38 -4.02
CA SER B 224 -13.11 -24.41 -3.30
C SER B 224 -13.38 -23.12 -2.52
N LEU B 225 -12.36 -22.26 -2.44
CA LEU B 225 -12.35 -21.04 -1.63
C LEU B 225 -12.25 -21.29 -0.13
N VAL B 226 -12.10 -22.57 0.25
CA VAL B 226 -11.85 -22.90 1.66
C VAL B 226 -10.53 -22.32 2.14
N ASN B 227 -9.49 -22.34 1.30
CA ASN B 227 -8.25 -21.69 1.68
C ASN B 227 -8.46 -20.23 2.10
N LYS B 228 -9.26 -19.51 1.31
CA LYS B 228 -9.56 -18.11 1.61
C LYS B 228 -10.34 -17.98 2.92
N GLY B 229 -11.25 -18.92 3.16
CA GLY B 229 -11.97 -18.99 4.43
C GLY B 229 -11.02 -19.15 5.59
N LEU B 230 -10.06 -20.05 5.45
CA LEU B 230 -9.03 -20.27 6.48
C LEU B 230 -8.22 -19.00 6.71
N GLU B 231 -7.88 -18.32 5.62
CA GLU B 231 -7.10 -17.08 5.70
C GLU B 231 -7.88 -15.94 6.36
N VAL B 232 -9.19 -15.93 6.15
CA VAL B 232 -10.06 -14.94 6.81
C VAL B 232 -10.07 -15.18 8.32
N ILE B 233 -10.20 -16.45 8.72
CA ILE B 233 -10.14 -16.82 10.14
C ILE B 233 -8.79 -16.39 10.75
N GLU B 234 -7.71 -16.70 10.06
CA GLU B 234 -6.37 -16.36 10.57
C GLU B 234 -6.17 -14.84 10.67
N THR B 235 -6.73 -14.12 9.70
CA THR B 235 -6.71 -12.64 9.69
C THR B 235 -7.38 -12.06 10.95
N HIS B 236 -8.55 -12.59 11.28
CA HIS B 236 -9.27 -12.15 12.48
C HIS B 236 -8.42 -12.38 13.73
N LEU B 237 -7.79 -13.55 13.82
CA LEU B 237 -7.01 -13.92 15.01
C LEU B 237 -5.67 -13.17 15.10
N LEU B 238 -5.01 -12.97 13.96
CA LEU B 238 -3.74 -12.25 13.95
C LEU B 238 -3.90 -10.76 14.22
N PHE B 239 -4.94 -10.16 13.64
CA PHE B 239 -5.04 -8.70 13.59
C PHE B 239 -6.17 -8.08 14.43
N GLY B 240 -7.00 -8.91 15.02
CA GLY B 240 -8.06 -8.45 15.93
C GLY B 240 -9.11 -7.55 15.29
N ILE B 241 -9.40 -7.80 14.01
CA ILE B 241 -10.45 -7.08 13.28
C ILE B 241 -11.67 -7.99 13.18
N PRO B 242 -12.88 -7.44 13.42
CA PRO B 242 -14.09 -8.27 13.35
C PRO B 242 -14.31 -8.84 11.95
N TYR B 243 -14.96 -9.99 11.88
CA TYR B 243 -15.25 -10.64 10.61
C TYR B 243 -16.06 -9.78 9.65
N ASP B 244 -16.95 -8.92 10.16
CA ASP B 244 -17.75 -8.07 9.29
C ASP B 244 -16.94 -6.95 8.63
N ARG B 245 -15.68 -6.81 9.05
CA ARG B 245 -14.74 -5.83 8.48
C ARG B 245 -13.56 -6.51 7.78
N ILE B 246 -13.68 -7.81 7.55
CA ILE B 246 -12.70 -8.54 6.72
C ILE B 246 -13.37 -8.91 5.40
N ASP B 247 -12.87 -8.32 4.32
CA ASP B 247 -13.43 -8.53 2.98
C ASP B 247 -12.52 -9.39 2.12
N VAL B 248 -13.11 -10.01 1.10
CA VAL B 248 -12.37 -10.76 0.10
C VAL B 248 -12.74 -10.22 -1.28
N VAL B 249 -11.72 -10.00 -2.11
CA VAL B 249 -11.92 -9.62 -3.50
C VAL B 249 -11.10 -10.57 -4.39
N VAL B 250 -11.65 -10.94 -5.53
CA VAL B 250 -10.94 -11.79 -6.47
C VAL B 250 -10.01 -10.94 -7.34
N HIS B 251 -8.76 -11.37 -7.41
CA HIS B 251 -7.72 -10.67 -8.15
C HIS B 251 -6.86 -11.73 -8.84
N PRO B 252 -7.17 -12.04 -10.12
CA PRO B 252 -6.57 -13.18 -10.81
C PRO B 252 -5.05 -13.12 -11.01
N GLN B 253 -4.48 -11.92 -11.01
CA GLN B 253 -3.04 -11.77 -11.27
C GLN B 253 -2.18 -12.08 -10.05
N SER B 254 -2.78 -12.01 -8.86
CA SER B 254 -2.07 -12.28 -7.60
C SER B 254 -0.81 -11.43 -7.45
N ILE B 255 -0.93 -10.15 -7.85
CA ILE B 255 0.19 -9.21 -7.72
C ILE B 255 -0.04 -8.37 -6.46
N ILE B 256 -1.27 -7.89 -6.29
CA ILE B 256 -1.67 -7.29 -5.02
C ILE B 256 -2.03 -8.43 -4.06
N HIS B 257 -1.28 -8.49 -2.95
CA HIS B 257 -1.40 -9.65 -2.06
C HIS B 257 -2.40 -9.50 -0.92
N SER B 258 -2.78 -8.25 -0.65
CA SER B 258 -3.89 -7.85 0.24
C SER B 258 -3.80 -6.35 0.47
N MET B 259 -4.81 -5.80 1.14
CA MET B 259 -4.92 -4.35 1.29
C MET B 259 -5.57 -4.00 2.61
N VAL B 260 -5.35 -2.76 3.04
CA VAL B 260 -6.01 -2.23 4.24
C VAL B 260 -6.67 -0.91 3.88
N THR B 261 -7.95 -0.80 4.20
CA THR B 261 -8.68 0.46 4.00
C THR B 261 -8.81 1.17 5.34
N PHE B 262 -8.40 2.44 5.36
CA PHE B 262 -8.42 3.24 6.58
C PHE B 262 -9.68 4.10 6.67
N ILE B 263 -9.93 4.67 7.85
CA ILE B 263 -11.18 5.40 8.14
C ILE B 263 -11.41 6.66 7.29
N ASP B 264 -10.35 7.19 6.69
CA ASP B 264 -10.44 8.40 5.86
C ASP B 264 -10.78 8.11 4.40
N GLY B 265 -10.75 6.83 4.04
CA GLY B 265 -11.02 6.39 2.67
C GLY B 265 -9.78 5.92 1.92
N SER B 266 -8.61 6.07 2.55
CA SER B 266 -7.38 5.66 1.89
C SER B 266 -7.18 4.15 1.98
N THR B 267 -6.78 3.53 0.87
CA THR B 267 -6.39 2.13 0.90
C THR B 267 -4.90 1.98 0.63
N ILE B 268 -4.26 1.15 1.44
CA ILE B 268 -2.83 0.87 1.28
C ILE B 268 -2.73 -0.59 0.89
N ALA B 269 -2.02 -0.85 -0.23
CA ALA B 269 -1.91 -2.19 -0.79
C ALA B 269 -0.46 -2.62 -0.91
N GLN B 270 -0.22 -3.93 -0.83
CA GLN B 270 1.13 -4.49 -1.02
C GLN B 270 1.13 -5.26 -2.32
N ALA B 271 2.12 -4.98 -3.17
CA ALA B 271 2.19 -5.55 -4.52
C ALA B 271 3.57 -6.12 -4.81
N SER B 272 3.59 -7.29 -5.46
CA SER B 272 4.85 -7.92 -5.90
C SER B 272 4.54 -9.11 -6.80
N PRO B 273 5.44 -9.39 -7.76
CA PRO B 273 5.28 -10.62 -8.52
C PRO B 273 5.27 -11.79 -7.55
N PRO B 274 4.39 -12.78 -7.75
CA PRO B 274 4.30 -13.93 -6.86
C PRO B 274 5.67 -14.58 -6.61
N ASP B 275 6.04 -14.67 -5.33
CA ASP B 275 7.30 -15.27 -4.90
C ASP B 275 7.25 -15.33 -3.39
N MET B 276 7.17 -16.55 -2.84
CA MET B 276 7.04 -16.72 -1.39
C MET B 276 8.29 -16.31 -0.61
N LYS B 277 9.42 -16.17 -1.30
CA LYS B 277 10.63 -15.72 -0.63
C LYS B 277 10.49 -14.32 -0.02
N LEU B 278 9.64 -13.48 -0.62
CA LEU B 278 9.38 -12.16 -0.07
C LEU B 278 8.73 -12.23 1.32
N PRO B 279 7.50 -12.81 1.45
CA PRO B 279 6.93 -12.89 2.80
C PRO B 279 7.73 -13.76 3.77
N ILE B 280 8.40 -14.81 3.28
CA ILE B 280 9.27 -15.61 4.14
C ILE B 280 10.42 -14.75 4.70
N SER B 281 11.10 -14.00 3.84
CA SER B 281 12.23 -13.16 4.28
C SER B 281 11.80 -12.14 5.32
N LEU B 282 10.64 -11.50 5.07
CA LEU B 282 10.13 -10.49 5.98
C LEU B 282 9.72 -11.08 7.33
N ALA B 283 9.12 -12.27 7.31
CA ALA B 283 8.75 -12.94 8.56
C ALA B 283 9.99 -13.29 9.39
N LEU B 284 11.06 -13.72 8.71
CA LEU B 284 12.30 -14.07 9.41
C LEU B 284 12.99 -12.85 10.00
N GLY B 285 13.03 -11.77 9.24
CA GLY B 285 13.80 -10.58 9.61
C GLY B 285 12.98 -9.48 10.28
N TRP B 286 11.68 -9.71 10.45
CA TRP B 286 10.75 -8.69 10.95
C TRP B 286 11.31 -7.94 12.15
N PRO B 287 11.24 -6.60 12.14
CA PRO B 287 10.59 -5.71 11.17
C PRO B 287 11.45 -5.28 9.98
N ARG B 288 12.69 -5.77 9.90
CA ARG B 288 13.63 -5.31 8.88
C ARG B 288 13.53 -6.07 7.57
N ARG B 289 13.43 -5.33 6.47
CA ARG B 289 13.34 -5.94 5.14
C ARG B 289 14.69 -6.52 4.71
N VAL B 290 14.62 -7.58 3.90
CA VAL B 290 15.81 -8.31 3.47
C VAL B 290 16.17 -7.94 2.02
N SER B 291 17.26 -7.20 1.87
CA SER B 291 17.66 -6.69 0.56
C SER B 291 17.74 -7.81 -0.49
N GLY B 292 17.06 -7.60 -1.61
CA GLY B 292 17.09 -8.52 -2.75
C GLY B 292 16.35 -9.83 -2.57
N ALA B 293 15.41 -9.88 -1.63
CA ALA B 293 14.68 -11.12 -1.35
C ALA B 293 13.92 -11.61 -2.56
N ALA B 294 13.29 -10.68 -3.28
CA ALA B 294 12.47 -11.00 -4.43
C ALA B 294 12.51 -9.88 -5.46
N ALA B 295 12.09 -10.19 -6.68
CA ALA B 295 11.95 -9.20 -7.74
C ALA B 295 10.79 -8.26 -7.45
N ALA B 296 10.95 -7.00 -7.83
CA ALA B 296 9.88 -6.02 -7.68
C ALA B 296 9.04 -5.91 -8.94
N CYS B 297 7.83 -5.37 -8.78
CA CYS B 297 6.97 -5.01 -9.91
C CYS B 297 7.78 -4.18 -10.90
N ASP B 298 7.63 -4.54 -12.17
CA ASP B 298 8.33 -3.87 -13.26
C ASP B 298 7.28 -3.27 -14.19
N PHE B 299 7.35 -1.96 -14.38
CA PHE B 299 6.33 -1.27 -15.17
C PHE B 299 6.80 -0.85 -16.57
N HIS B 300 7.80 -1.54 -17.10
CA HIS B 300 8.31 -1.24 -18.44
C HIS B 300 7.44 -1.81 -19.55
N THR B 301 6.65 -2.84 -19.22
CA THR B 301 5.68 -3.40 -20.14
C THR B 301 4.26 -3.25 -19.58
N ALA B 302 3.31 -2.90 -20.43
CA ALA B 302 1.95 -2.62 -20.01
C ALA B 302 1.29 -3.83 -19.37
N SER B 303 0.60 -3.59 -18.25
CA SER B 303 -0.09 -4.66 -17.54
C SER B 303 -1.33 -4.13 -16.83
N SER B 304 -2.19 -5.03 -16.37
CA SER B 304 -3.36 -4.63 -15.61
C SER B 304 -3.53 -5.50 -14.38
N TRP B 305 -4.04 -4.87 -13.33
CA TRP B 305 -4.42 -5.55 -12.10
C TRP B 305 -5.93 -5.51 -12.01
N GLU B 306 -6.55 -6.70 -12.06
CA GLU B 306 -8.00 -6.81 -12.14
C GLU B 306 -8.60 -7.23 -10.81
N PHE B 307 -9.78 -6.69 -10.52
CA PHE B 307 -10.54 -7.02 -9.32
C PHE B 307 -11.99 -7.32 -9.69
N GLU B 308 -12.54 -8.33 -9.04
CA GLU B 308 -13.94 -8.68 -9.23
C GLU B 308 -14.53 -9.28 -7.95
N PRO B 309 -15.84 -9.07 -7.72
CA PRO B 309 -16.42 -9.62 -6.49
C PRO B 309 -16.53 -11.14 -6.57
N LEU B 310 -16.46 -11.80 -5.41
CA LEU B 310 -16.72 -13.23 -5.35
C LEU B 310 -18.22 -13.44 -5.28
N ASP B 311 -18.75 -14.37 -6.09
CA ASP B 311 -20.16 -14.74 -5.99
C ASP B 311 -20.30 -15.70 -4.83
N THR B 312 -20.80 -15.17 -3.71
CA THR B 312 -20.89 -15.91 -2.46
C THR B 312 -21.94 -17.02 -2.48
N ASP B 313 -22.92 -16.89 -3.38
CA ASP B 313 -23.93 -17.94 -3.58
C ASP B 313 -23.31 -19.18 -4.21
N VAL B 314 -22.38 -18.96 -5.13
CA VAL B 314 -21.68 -20.04 -5.83
C VAL B 314 -20.50 -20.54 -5.00
N PHE B 315 -19.83 -19.61 -4.31
CA PHE B 315 -18.67 -19.92 -3.47
C PHE B 315 -18.89 -19.47 -2.02
N PRO B 316 -19.66 -20.27 -1.24
CA PRO B 316 -20.00 -19.88 0.13
C PRO B 316 -18.96 -20.22 1.21
N ALA B 317 -17.82 -20.82 0.83
CA ALA B 317 -16.80 -21.24 1.79
C ALA B 317 -16.30 -20.14 2.73
N VAL B 318 -16.19 -18.90 2.21
CA VAL B 318 -15.70 -17.78 3.02
C VAL B 318 -16.76 -17.36 4.04
N GLU B 319 -18.00 -17.23 3.59
CA GLU B 319 -19.11 -16.93 4.49
C GLU B 319 -19.21 -17.96 5.61
N LEU B 320 -19.02 -19.24 5.27
CA LEU B 320 -19.05 -20.31 6.25
C LEU B 320 -17.92 -20.19 7.26
N ALA B 321 -16.74 -19.79 6.79
CA ALA B 321 -15.61 -19.52 7.68
C ALA B 321 -15.92 -18.40 8.66
N ARG B 322 -16.57 -17.34 8.18
CA ARG B 322 -16.97 -16.23 9.03
C ARG B 322 -17.95 -16.71 10.10
N GLN B 323 -18.90 -17.56 9.70
CA GLN B 323 -19.87 -18.14 10.62
C GLN B 323 -19.16 -18.92 11.73
N ALA B 324 -18.23 -19.78 11.32
CA ALA B 324 -17.42 -20.56 12.25
C ALA B 324 -16.63 -19.65 13.17
N GLY B 325 -16.04 -18.61 12.60
CA GLY B 325 -15.16 -17.71 13.35
C GLY B 325 -15.90 -16.88 14.37
N VAL B 326 -17.10 -16.42 14.01
CA VAL B 326 -17.95 -15.64 14.90
C VAL B 326 -18.44 -16.50 16.07
N ALA B 327 -18.74 -17.77 15.77
CA ALA B 327 -19.13 -18.74 16.81
C ALA B 327 -18.00 -18.95 17.82
N GLY B 328 -16.76 -18.97 17.33
CA GLY B 328 -15.57 -19.01 18.18
C GLY B 328 -15.31 -20.34 18.82
N GLY B 329 -14.44 -20.35 19.84
CA GLY B 329 -14.11 -21.58 20.56
C GLY B 329 -13.37 -22.55 19.66
N CYS B 330 -13.91 -23.76 19.54
CA CYS B 330 -13.33 -24.78 18.69
C CYS B 330 -14.05 -24.89 17.34
N MET B 331 -14.95 -23.94 17.04
CA MET B 331 -15.73 -24.02 15.81
C MET B 331 -14.87 -23.92 14.54
N THR B 332 -13.78 -23.16 14.60
CA THR B 332 -12.90 -23.07 13.42
C THR B 332 -12.09 -24.35 13.22
N ALA B 333 -11.73 -25.01 14.32
CA ALA B 333 -11.17 -26.37 14.24
C ALA B 333 -12.14 -27.33 13.53
N VAL B 334 -13.42 -27.18 13.83
CA VAL B 334 -14.47 -28.00 13.22
C VAL B 334 -14.59 -27.72 11.72
N TYR B 335 -14.61 -26.44 11.35
CA TYR B 335 -14.61 -26.01 9.95
C TYR B 335 -13.49 -26.70 9.17
N ASN B 336 -12.27 -26.59 9.68
CA ASN B 336 -11.09 -27.13 9.01
C ASN B 336 -11.07 -28.65 8.93
N ALA B 337 -11.50 -29.31 10.00
CA ALA B 337 -11.49 -30.77 10.04
C ALA B 337 -12.59 -31.34 9.13
N ALA B 338 -13.75 -30.70 9.13
CA ALA B 338 -14.83 -31.07 8.20
C ALA B 338 -14.36 -30.94 6.76
N ASN B 339 -13.67 -29.85 6.46
CA ASN B 339 -13.09 -29.66 5.13
C ASN B 339 -12.16 -30.79 4.72
N GLU B 340 -11.20 -31.11 5.60
CA GLU B 340 -10.22 -32.15 5.30
C GLU B 340 -10.91 -33.46 4.91
N GLU B 341 -11.95 -33.83 5.65
CA GLU B 341 -12.67 -35.07 5.40
C GLU B 341 -13.49 -35.00 4.11
N ALA B 342 -14.22 -33.90 3.93
CA ALA B 342 -15.03 -33.70 2.72
C ALA B 342 -14.17 -33.63 1.47
N ALA B 343 -13.04 -32.94 1.57
CA ALA B 343 -12.09 -32.81 0.46
C ALA B 343 -11.51 -34.17 0.08
N ALA B 344 -11.26 -35.00 1.09
CA ALA B 344 -10.80 -36.38 0.91
C ALA B 344 -11.81 -37.21 0.13
N ALA B 345 -13.09 -37.09 0.49
CA ALA B 345 -14.18 -37.79 -0.19
C ALA B 345 -14.29 -37.36 -1.65
N PHE B 346 -14.15 -36.07 -1.92
CA PHE B 346 -14.15 -35.56 -3.30
C PHE B 346 -13.00 -36.14 -4.13
N LEU B 347 -11.79 -36.10 -3.59
CA LEU B 347 -10.59 -36.59 -4.30
C LEU B 347 -10.69 -38.09 -4.58
N ALA B 348 -11.44 -38.80 -3.74
CA ALA B 348 -11.65 -40.25 -3.86
C ALA B 348 -12.88 -40.61 -4.71
N GLY B 349 -13.63 -39.61 -5.14
CA GLY B 349 -14.79 -39.82 -6.01
C GLY B 349 -16.08 -40.15 -5.30
N ARG B 350 -16.10 -39.97 -3.98
CA ARG B 350 -17.27 -40.30 -3.15
C ARG B 350 -18.35 -39.21 -3.15
N ILE B 351 -17.93 -37.96 -3.36
CA ILE B 351 -18.86 -36.85 -3.49
C ILE B 351 -18.46 -35.95 -4.67
N GLY B 352 -19.37 -35.09 -5.09
CA GLY B 352 -19.08 -34.09 -6.12
C GLY B 352 -18.44 -32.86 -5.50
N PHE B 353 -17.89 -32.00 -6.34
CA PHE B 353 -17.22 -30.78 -5.90
C PHE B 353 -18.09 -29.86 -5.02
N PRO B 354 -19.33 -29.53 -5.46
CA PRO B 354 -20.21 -28.69 -4.66
C PRO B 354 -20.51 -29.23 -3.27
N ALA B 355 -20.37 -30.55 -3.08
CA ALA B 355 -20.69 -31.18 -1.79
C ALA B 355 -19.63 -30.95 -0.71
N ILE B 356 -18.44 -30.51 -1.10
CA ILE B 356 -17.39 -30.21 -0.12
C ILE B 356 -17.92 -29.18 0.88
N VAL B 357 -18.32 -28.02 0.37
CA VAL B 357 -18.81 -26.94 1.24
C VAL B 357 -20.19 -27.28 1.84
N GLY B 358 -20.98 -28.06 1.11
CA GLY B 358 -22.25 -28.58 1.62
C GLY B 358 -22.05 -29.37 2.91
N ILE B 359 -21.08 -30.29 2.90
CA ILE B 359 -20.76 -31.11 4.07
C ILE B 359 -20.18 -30.27 5.21
N ILE B 360 -19.29 -29.33 4.89
CA ILE B 360 -18.77 -28.42 5.93
C ILE B 360 -19.93 -27.70 6.62
N ALA B 361 -20.87 -27.19 5.83
CA ALA B 361 -22.04 -26.50 6.35
C ALA B 361 -22.86 -27.41 7.26
N ASP B 362 -23.09 -28.63 6.80
CA ASP B 362 -23.89 -29.61 7.54
C ASP B 362 -23.26 -29.97 8.88
N VAL B 363 -21.94 -30.12 8.89
CA VAL B 363 -21.20 -30.42 10.11
C VAL B 363 -21.22 -29.24 11.07
N LEU B 364 -20.90 -28.04 10.56
CA LEU B 364 -20.91 -26.83 11.38
C LEU B 364 -22.25 -26.57 12.07
N HIS B 365 -23.34 -26.77 11.33
CA HIS B 365 -24.67 -26.48 11.87
C HIS B 365 -25.06 -27.42 13.01
N ALA B 366 -24.41 -28.58 13.07
CA ALA B 366 -24.62 -29.54 14.14
C ALA B 366 -23.58 -29.46 15.27
N ALA B 367 -22.69 -28.48 15.18
CA ALA B 367 -21.46 -28.47 15.99
C ALA B 367 -21.42 -27.51 17.18
N ASP B 368 -22.56 -26.91 17.53
CA ASP B 368 -22.62 -25.85 18.56
C ASP B 368 -22.02 -26.21 19.93
N GLN B 369 -21.94 -27.50 20.26
CA GLN B 369 -21.29 -27.95 21.49
C GLN B 369 -19.80 -27.55 21.53
N TRP B 370 -19.24 -27.27 20.35
CA TRP B 370 -17.82 -26.94 20.22
C TRP B 370 -17.54 -25.43 20.23
N ALA B 371 -18.57 -24.63 20.49
CA ALA B 371 -18.39 -23.18 20.63
C ALA B 371 -17.59 -22.79 21.90
N VAL B 372 -17.38 -23.77 22.77
CA VAL B 372 -16.64 -23.56 24.01
C VAL B 372 -15.15 -23.33 23.73
N GLU B 373 -14.52 -22.45 24.49
CA GLU B 373 -13.09 -22.18 24.35
C GLU B 373 -12.27 -23.40 24.79
N PRO B 374 -11.27 -23.79 23.97
CA PRO B 374 -10.41 -24.92 24.34
C PRO B 374 -9.50 -24.59 25.52
N ALA B 375 -9.42 -25.50 26.48
CA ALA B 375 -8.52 -25.34 27.62
C ALA B 375 -7.16 -25.98 27.36
N THR B 376 -7.16 -27.02 26.52
CA THR B 376 -5.96 -27.82 26.25
C THR B 376 -5.90 -28.22 24.78
N VAL B 377 -4.73 -28.68 24.34
CA VAL B 377 -4.57 -29.24 23.00
C VAL B 377 -5.56 -30.38 22.76
N ASP B 378 -5.78 -31.20 23.78
CA ASP B 378 -6.72 -32.32 23.67
C ASP B 378 -8.14 -31.88 23.36
N ASP B 379 -8.56 -30.72 23.87
CA ASP B 379 -9.87 -30.15 23.53
C ASP B 379 -9.99 -29.90 22.01
N VAL B 380 -8.95 -29.29 21.44
CA VAL B 380 -8.86 -29.04 19.99
C VAL B 380 -8.92 -30.36 19.20
N LEU B 381 -8.12 -31.34 19.64
CA LEU B 381 -8.07 -32.65 18.98
C LEU B 381 -9.40 -33.39 19.05
N ASP B 382 -10.11 -33.26 20.18
CA ASP B 382 -11.45 -33.84 20.33
C ASP B 382 -12.48 -33.22 19.38
N ALA B 383 -12.39 -31.90 19.19
CA ALA B 383 -13.27 -31.19 18.27
C ALA B 383 -13.05 -31.69 16.84
N GLN B 384 -11.78 -31.85 16.47
CA GLN B 384 -11.41 -32.34 15.14
C GLN B 384 -11.92 -33.76 14.91
N ARG B 385 -11.75 -34.60 15.92
CA ARG B 385 -12.22 -35.99 15.92
C ARG B 385 -13.72 -36.06 15.65
N TRP B 386 -14.47 -35.27 16.42
CA TRP B 386 -15.92 -35.19 16.26
C TRP B 386 -16.30 -34.73 14.86
N ALA B 387 -15.61 -33.68 14.37
CA ALA B 387 -15.91 -33.10 13.06
C ALA B 387 -15.64 -34.08 11.92
N ARG B 388 -14.52 -34.79 11.99
CA ARG B 388 -14.18 -35.81 10.99
C ARG B 388 -15.23 -36.91 10.92
N GLU B 389 -15.63 -37.43 12.08
CA GLU B 389 -16.64 -38.48 12.15
C GLU B 389 -17.99 -37.99 11.60
N ARG B 390 -18.37 -36.76 11.97
CA ARG B 390 -19.62 -36.16 11.51
C ARG B 390 -19.61 -36.01 9.98
N ALA B 391 -18.48 -35.55 9.43
CA ALA B 391 -18.32 -35.43 7.99
C ALA B 391 -18.39 -36.78 7.28
N GLN B 392 -17.78 -37.80 7.89
CA GLN B 392 -17.82 -39.16 7.35
C GLN B 392 -19.26 -39.67 7.25
N ARG B 393 -20.06 -39.43 8.28
CA ARG B 393 -21.48 -39.78 8.30
C ARG B 393 -22.23 -39.07 7.17
N ALA B 394 -21.93 -37.79 6.96
CA ALA B 394 -22.54 -37.00 5.89
C ALA B 394 -22.21 -37.56 4.50
N VAL B 395 -20.96 -37.96 4.30
CA VAL B 395 -20.51 -38.52 3.02
C VAL B 395 -21.22 -39.83 2.70
N SER B 396 -21.21 -40.74 3.68
CA SER B 396 -21.75 -42.09 3.50
C SER B 396 -23.28 -42.15 3.59
N GLY B 397 -23.87 -41.17 4.27
CA GLY B 397 -25.32 -41.11 4.48
C GLY B 397 -25.76 -41.88 5.71
N MET B 398 -24.83 -42.10 6.63
CA MET B 398 -25.11 -42.87 7.84
C MET B 398 -25.23 -41.96 9.06
MN MN C . -0.95 15.76 -8.71
S SO4 D . -1.64 14.14 -13.97
O1 SO4 D . -0.42 14.92 -14.12
O2 SO4 D . -1.36 12.80 -13.44
O3 SO4 D . -2.26 13.98 -15.27
O4 SO4 D . -2.56 14.85 -13.08
S SO4 E . -9.27 33.96 -7.43
O1 SO4 E . -8.21 33.54 -6.53
O2 SO4 E . -8.91 35.22 -8.07
O3 SO4 E . -9.47 32.93 -8.46
O4 SO4 E . -10.50 34.14 -6.67
S SO4 F . 4.78 9.81 9.58
O1 SO4 F . 5.71 9.13 10.48
O2 SO4 F . 3.48 9.96 10.24
O3 SO4 F . 4.65 9.06 8.33
O4 SO4 F . 5.31 11.14 9.27
MN MN G . -2.28 -17.56 0.82
S SO4 H . -5.98 -18.52 -3.18
O1 SO4 H . -6.67 -18.95 -1.97
O2 SO4 H . -5.90 -17.06 -3.24
O3 SO4 H . -6.71 -18.99 -4.37
O4 SO4 H . -4.64 -19.09 -3.20
#